data_8UM2
#
_entry.id   8UM2
#
_entity_poly.entity_id   1
_entity_poly.type   'polypeptide(L)'
_entity_poly.pdbx_seq_one_letter_code
;NDHQDLREITKDSKMQKLALAGFLKKIKGTYIESLLKEHKLL
;
_entity_poly.pdbx_strand_id   A
#
# COMPACT_ATOMS: atom_id res chain seq x y z
N ASN A 1 -11.73 16.11 -6.40
CA ASN A 1 -11.72 16.28 -4.93
C ASN A 1 -11.31 14.96 -4.23
N ASP A 2 -10.77 15.08 -2.99
CA ASP A 2 -10.34 13.93 -2.16
C ASP A 2 -9.99 14.41 -0.72
N HIS A 3 -9.77 13.44 0.19
CA HIS A 3 -9.35 13.71 1.58
C HIS A 3 -8.28 12.67 1.98
N GLN A 4 -7.00 13.09 1.99
CA GLN A 4 -5.89 12.23 2.43
C GLN A 4 -5.75 12.32 3.96
N ASP A 5 -6.07 11.20 4.61
CA ASP A 5 -6.05 11.08 6.08
C ASP A 5 -4.62 11.02 6.64
N LEU A 6 -4.50 11.43 7.92
CA LEU A 6 -3.21 11.57 8.61
C LEU A 6 -2.68 10.21 9.06
N ARG A 7 -1.35 10.08 8.98
CA ARG A 7 -0.63 8.85 9.33
C ARG A 7 0.30 9.12 10.53
N GLU A 8 0.08 8.38 11.62
CA GLU A 8 0.98 8.36 12.81
C GLU A 8 1.15 6.90 13.29
N ILE A 9 1.73 6.70 14.49
CA ILE A 9 2.09 5.36 14.99
C ILE A 9 0.83 4.62 15.51
N THR A 10 0.30 3.70 14.68
CA THR A 10 -0.85 2.84 15.02
C THR A 10 -0.67 1.47 14.33
N LYS A 11 -0.43 0.42 15.15
CA LYS A 11 -0.25 -0.96 14.67
C LYS A 11 -1.54 -1.79 14.87
N ASP A 12 -2.68 -1.10 15.07
CA ASP A 12 -4.01 -1.73 15.18
C ASP A 12 -4.38 -2.38 13.85
N SER A 13 -4.75 -3.68 13.90
CA SER A 13 -4.96 -4.52 12.71
C SER A 13 -6.00 -3.93 11.75
N LYS A 14 -7.11 -3.36 12.29
CA LYS A 14 -8.20 -2.76 11.49
C LYS A 14 -7.67 -1.55 10.71
N MET A 15 -6.92 -0.67 11.41
CA MET A 15 -6.29 0.54 10.83
C MET A 15 -5.27 0.16 9.73
N GLN A 16 -4.59 -0.97 9.95
CA GLN A 16 -3.64 -1.53 8.96
C GLN A 16 -4.40 -2.06 7.74
N LYS A 17 -5.60 -2.61 7.96
CA LYS A 17 -6.47 -3.12 6.87
C LYS A 17 -7.05 -1.95 6.04
N LEU A 18 -7.26 -0.79 6.69
CA LEU A 18 -7.67 0.46 5.99
C LEU A 18 -6.53 0.92 5.07
N ALA A 19 -5.31 0.90 5.63
CA ALA A 19 -4.06 1.23 4.93
C ALA A 19 -3.84 0.30 3.71
N LEU A 20 -4.03 -1.01 3.95
CA LEU A 20 -3.89 -2.06 2.93
C LEU A 20 -4.98 -1.93 1.85
N ALA A 21 -6.21 -1.55 2.25
CA ALA A 21 -7.35 -1.41 1.33
C ALA A 21 -7.08 -0.31 0.31
N GLY A 22 -6.76 0.89 0.82
CA GLY A 22 -6.47 2.05 -0.03
C GLY A 22 -5.25 1.82 -0.92
N PHE A 23 -4.26 1.08 -0.39
CA PHE A 23 -3.11 0.58 -1.15
C PHE A 23 -3.58 -0.29 -2.33
N LEU A 24 -4.39 -1.32 -2.01
CA LEU A 24 -4.81 -2.35 -2.99
C LEU A 24 -5.60 -1.75 -4.16
N LYS A 25 -6.40 -0.71 -3.89
CA LYS A 25 -7.13 0.03 -4.94
C LYS A 25 -6.17 0.88 -5.79
N LYS A 26 -5.37 1.75 -5.12
CA LYS A 26 -4.51 2.75 -5.81
C LYS A 26 -3.52 2.06 -6.77
N ILE A 27 -3.16 0.77 -6.46
CA ILE A 27 -2.26 -0.06 -7.31
C ILE A 27 -2.59 0.09 -8.81
N LYS A 28 -3.90 -0.03 -9.13
CA LYS A 28 -4.38 -0.13 -10.51
C LYS A 28 -4.08 1.16 -11.34
N GLY A 29 -3.92 2.31 -10.65
CA GLY A 29 -3.63 3.59 -11.30
C GLY A 29 -2.40 4.30 -10.74
N THR A 30 -1.46 3.53 -10.14
CA THR A 30 -0.17 4.09 -9.64
C THR A 30 1.01 3.22 -10.14
N TYR A 31 2.22 3.78 -10.03
CA TYR A 31 3.48 3.14 -10.48
C TYR A 31 3.76 1.83 -9.70
N ILE A 32 3.23 1.74 -8.45
CA ILE A 32 3.41 0.57 -7.57
C ILE A 32 3.00 -0.77 -8.27
N GLU A 33 1.96 -0.71 -9.17
CA GLU A 33 1.55 -1.88 -9.99
C GLU A 33 2.76 -2.47 -10.73
N SER A 34 3.51 -1.58 -11.43
CA SER A 34 4.74 -1.95 -12.16
C SER A 34 5.73 -2.66 -11.23
N LEU A 35 5.96 -2.07 -10.04
CA LEU A 35 6.94 -2.60 -9.06
C LEU A 35 6.57 -4.03 -8.63
N LEU A 36 5.28 -4.24 -8.34
CA LEU A 36 4.74 -5.52 -7.84
C LEU A 36 4.82 -6.63 -8.92
N LYS A 37 4.55 -6.22 -10.18
CA LYS A 37 4.60 -7.11 -11.36
C LYS A 37 6.05 -7.55 -11.69
N GLU A 38 6.97 -6.57 -11.75
CA GLU A 38 8.39 -6.78 -12.12
C GLU A 38 9.14 -7.58 -11.04
N HIS A 39 8.94 -7.17 -9.78
CA HIS A 39 9.59 -7.79 -8.60
C HIS A 39 8.88 -9.07 -8.14
N LYS A 40 7.69 -9.36 -8.77
CA LYS A 40 6.88 -10.57 -8.52
C LYS A 40 6.38 -10.63 -7.06
N LEU A 41 6.03 -9.45 -6.55
CA LEU A 41 5.47 -9.27 -5.20
C LEU A 41 3.98 -9.67 -5.18
N LEU A 42 3.29 -9.51 -6.33
CA LEU A 42 1.95 -10.07 -6.55
C LEU A 42 2.10 -11.50 -7.16
N ASN A 1 3.89 11.92 -9.43
CA ASN A 1 3.34 12.78 -8.35
C ASN A 1 3.11 11.97 -7.05
N ASP A 2 3.26 10.63 -7.17
CA ASP A 2 2.99 9.69 -6.07
C ASP A 2 4.02 9.85 -4.95
N HIS A 3 3.54 10.22 -3.76
CA HIS A 3 4.34 10.28 -2.53
C HIS A 3 4.78 8.86 -2.13
N GLN A 4 6.02 8.52 -2.49
CA GLN A 4 6.61 7.21 -2.21
C GLN A 4 7.06 7.13 -0.74
N ASP A 5 6.09 6.86 0.12
CA ASP A 5 6.31 6.80 1.57
C ASP A 5 6.81 5.41 1.97
N LEU A 6 7.46 5.33 3.14
CA LEU A 6 8.01 4.08 3.69
C LEU A 6 6.91 3.34 4.47
N ARG A 7 7.31 2.32 5.25
CA ARG A 7 6.38 1.52 6.07
C ARG A 7 6.67 1.72 7.56
N GLU A 8 5.75 2.42 8.25
CA GLU A 8 5.77 2.54 9.72
C GLU A 8 5.15 1.26 10.33
N ILE A 9 5.19 1.15 11.65
CA ILE A 9 4.42 0.12 12.38
C ILE A 9 3.06 0.72 12.74
N THR A 10 1.99 0.21 12.10
CA THR A 10 0.62 0.56 12.44
C THR A 10 0.11 -0.37 13.56
N LYS A 11 -0.47 0.22 14.60
CA LYS A 11 -0.78 -0.45 15.87
C LYS A 11 -2.16 -1.10 15.81
N ASP A 12 -3.11 -0.32 15.29
CA ASP A 12 -4.52 -0.71 15.20
C ASP A 12 -4.75 -1.66 14.01
N SER A 13 -5.54 -2.74 14.25
CA SER A 13 -5.75 -3.83 13.28
C SER A 13 -6.63 -3.37 12.08
N LYS A 14 -7.66 -2.52 12.36
CA LYS A 14 -8.49 -1.93 11.29
C LYS A 14 -7.65 -1.03 10.40
N MET A 15 -6.85 -0.15 11.03
CA MET A 15 -5.94 0.77 10.32
C MET A 15 -4.95 0.00 9.42
N GLN A 16 -4.45 -1.16 9.91
CA GLN A 16 -3.59 -2.08 9.11
C GLN A 16 -4.33 -2.60 7.87
N LYS A 17 -5.56 -3.11 8.08
CA LYS A 17 -6.41 -3.63 7.01
C LYS A 17 -6.68 -2.56 5.94
N LEU A 18 -6.99 -1.34 6.40
CA LEU A 18 -7.38 -0.21 5.53
C LEU A 18 -6.16 0.42 4.84
N ALA A 19 -4.98 0.26 5.46
CA ALA A 19 -3.69 0.67 4.88
C ALA A 19 -3.39 -0.20 3.66
N LEU A 20 -3.45 -1.52 3.89
CA LEU A 20 -3.18 -2.53 2.87
C LEU A 20 -4.27 -2.56 1.79
N ALA A 21 -5.53 -2.34 2.20
CA ALA A 21 -6.69 -2.36 1.30
C ALA A 21 -6.64 -1.16 0.35
N GLY A 22 -6.49 0.05 0.93
CA GLY A 22 -6.38 1.29 0.15
C GLY A 22 -5.20 1.26 -0.79
N PHE A 23 -4.09 0.63 -0.33
CA PHE A 23 -2.93 0.30 -1.15
C PHE A 23 -3.34 -0.60 -2.33
N LEU A 24 -4.02 -1.73 -2.04
CA LEU A 24 -4.38 -2.76 -3.06
C LEU A 24 -5.31 -2.23 -4.16
N LYS A 25 -6.14 -1.22 -3.83
CA LYS A 25 -6.97 -0.53 -4.83
C LYS A 25 -6.12 0.43 -5.67
N LYS A 26 -5.38 1.35 -4.99
CA LYS A 26 -4.63 2.44 -5.66
C LYS A 26 -3.55 1.90 -6.62
N ILE A 27 -3.17 0.61 -6.45
CA ILE A 27 -2.23 -0.10 -7.35
C ILE A 27 -2.60 0.15 -8.82
N LYS A 28 -3.90 0.01 -9.13
CA LYS A 28 -4.41 0.09 -10.52
C LYS A 28 -4.11 1.44 -11.20
N GLY A 29 -3.93 2.50 -10.40
CA GLY A 29 -3.63 3.84 -10.90
C GLY A 29 -2.39 4.44 -10.25
N THR A 30 -1.28 3.67 -10.24
CA THR A 30 0.05 4.17 -9.76
C THR A 30 1.21 3.40 -10.42
N TYR A 31 2.43 3.94 -10.26
CA TYR A 31 3.68 3.33 -10.71
C TYR A 31 4.00 2.07 -9.89
N ILE A 32 3.52 2.04 -8.62
CA ILE A 32 3.75 0.92 -7.68
C ILE A 32 3.30 -0.41 -8.31
N GLU A 33 2.22 -0.35 -9.13
CA GLU A 33 1.72 -1.50 -9.90
C GLU A 33 2.84 -2.17 -10.69
N SER A 34 3.58 -1.33 -11.44
CA SER A 34 4.69 -1.78 -12.28
C SER A 34 5.75 -2.47 -11.40
N LEU A 35 6.09 -1.87 -10.24
CA LEU A 35 7.09 -2.44 -9.30
C LEU A 35 6.65 -3.85 -8.83
N LEU A 36 5.38 -3.94 -8.44
CA LEU A 36 4.82 -5.16 -7.84
C LEU A 36 4.72 -6.31 -8.85
N LYS A 37 4.42 -5.98 -10.11
CA LYS A 37 4.35 -6.98 -11.19
C LYS A 37 5.77 -7.43 -11.62
N GLU A 38 6.67 -6.45 -11.78
CA GLU A 38 8.08 -6.70 -12.22
C GLU A 38 8.87 -7.49 -11.16
N HIS A 39 8.53 -7.28 -9.88
CA HIS A 39 9.17 -7.98 -8.74
C HIS A 39 8.32 -9.20 -8.31
N LYS A 40 7.13 -9.37 -8.94
CA LYS A 40 6.16 -10.48 -8.67
C LYS A 40 5.71 -10.53 -7.19
N LEU A 41 5.64 -9.34 -6.55
CA LEU A 41 5.14 -9.19 -5.18
C LEU A 41 3.62 -9.42 -5.12
N LEU A 42 2.93 -9.03 -6.21
CA LEU A 42 1.53 -9.38 -6.44
C LEU A 42 1.43 -10.83 -7.00
N ASN A 1 -2.58 15.72 -10.00
CA ASN A 1 -1.67 15.21 -8.96
C ASN A 1 -2.20 15.58 -7.57
N ASP A 2 -2.91 14.63 -6.92
CA ASP A 2 -3.46 14.80 -5.56
C ASP A 2 -2.57 14.10 -4.53
N HIS A 3 -2.89 14.30 -3.25
CA HIS A 3 -2.14 13.71 -2.12
C HIS A 3 -2.72 12.33 -1.77
N GLN A 4 -1.83 11.37 -1.50
CA GLN A 4 -2.20 10.03 -0.99
C GLN A 4 -1.87 9.94 0.51
N ASP A 5 -2.19 8.79 1.10
CA ASP A 5 -1.80 8.47 2.47
C ASP A 5 -0.38 7.86 2.48
N LEU A 6 0.35 8.10 3.56
CA LEU A 6 1.67 7.50 3.81
C LEU A 6 1.57 6.47 4.93
N ARG A 7 2.70 5.81 5.22
CA ARG A 7 2.77 4.72 6.22
C ARG A 7 3.53 5.19 7.48
N GLU A 8 2.95 4.87 8.65
CA GLU A 8 3.48 5.28 9.96
C GLU A 8 3.50 4.07 10.91
N ILE A 9 4.17 4.20 12.08
CA ILE A 9 4.19 3.15 13.11
C ILE A 9 2.77 2.94 13.67
N THR A 10 2.15 1.84 13.21
CA THR A 10 0.75 1.49 13.50
C THR A 10 0.65 0.00 13.85
N LYS A 11 -0.27 -0.36 14.75
CA LYS A 11 -0.54 -1.77 15.14
C LYS A 11 -2.05 -2.01 15.31
N ASP A 12 -2.85 -0.92 15.17
CA ASP A 12 -4.31 -0.98 15.21
C ASP A 12 -4.82 -1.79 14.00
N SER A 13 -5.64 -2.81 14.30
CA SER A 13 -6.10 -3.79 13.30
C SER A 13 -6.84 -3.13 12.12
N LYS A 14 -7.71 -2.15 12.44
CA LYS A 14 -8.52 -1.46 11.41
C LYS A 14 -7.67 -0.51 10.56
N MET A 15 -6.73 0.21 11.20
CA MET A 15 -5.84 1.15 10.48
C MET A 15 -4.91 0.40 9.52
N GLN A 16 -4.42 -0.77 9.95
CA GLN A 16 -3.61 -1.68 9.12
C GLN A 16 -4.45 -2.27 7.97
N LYS A 17 -5.69 -2.64 8.29
CA LYS A 17 -6.61 -3.27 7.32
C LYS A 17 -6.94 -2.30 6.16
N LEU A 18 -7.23 -1.04 6.51
CA LEU A 18 -7.62 0.00 5.54
C LEU A 18 -6.38 0.57 4.82
N ALA A 19 -5.22 0.56 5.51
CA ALA A 19 -3.94 0.99 4.90
C ALA A 19 -3.56 0.06 3.74
N LEU A 20 -3.59 -1.25 4.03
CA LEU A 20 -3.22 -2.29 3.07
C LEU A 20 -4.29 -2.45 1.97
N ALA A 21 -5.58 -2.31 2.35
CA ALA A 21 -6.70 -2.38 1.38
C ALA A 21 -6.62 -1.22 0.38
N GLY A 22 -6.52 0.02 0.91
CA GLY A 22 -6.42 1.23 0.10
C GLY A 22 -5.18 1.23 -0.79
N PHE A 23 -4.10 0.59 -0.28
CA PHE A 23 -2.91 0.28 -1.07
C PHE A 23 -3.27 -0.64 -2.25
N LEU A 24 -3.93 -1.77 -1.95
CA LEU A 24 -4.25 -2.81 -2.96
C LEU A 24 -5.17 -2.29 -4.08
N LYS A 25 -6.03 -1.30 -3.78
CA LYS A 25 -6.86 -0.64 -4.80
C LYS A 25 -6.03 0.38 -5.61
N LYS A 26 -5.26 1.26 -4.89
CA LYS A 26 -4.53 2.38 -5.54
C LYS A 26 -3.53 1.86 -6.58
N ILE A 27 -3.03 0.60 -6.36
CA ILE A 27 -2.11 -0.12 -7.26
C ILE A 27 -2.52 0.07 -8.73
N LYS A 28 -3.83 -0.12 -8.98
CA LYS A 28 -4.38 -0.21 -10.34
C LYS A 28 -4.11 1.07 -11.17
N GLY A 29 -4.04 2.22 -10.47
CA GLY A 29 -3.80 3.51 -11.10
C GLY A 29 -2.61 4.24 -10.51
N THR A 30 -1.50 3.50 -10.27
CA THR A 30 -0.22 4.10 -9.85
C THR A 30 0.96 3.26 -10.35
N TYR A 31 2.16 3.87 -10.33
CA TYR A 31 3.43 3.26 -10.76
C TYR A 31 3.80 2.02 -9.90
N ILE A 32 3.32 2.02 -8.63
CA ILE A 32 3.58 0.92 -7.68
C ILE A 32 3.17 -0.45 -8.28
N GLU A 33 2.12 -0.44 -9.12
CA GLU A 33 1.71 -1.64 -9.91
C GLU A 33 2.90 -2.23 -10.65
N SER A 34 3.59 -1.38 -11.45
CA SER A 34 4.77 -1.77 -12.23
C SER A 34 5.82 -2.42 -11.33
N LEU A 35 6.13 -1.77 -10.19
CA LEU A 35 7.13 -2.28 -9.22
C LEU A 35 6.76 -3.71 -8.75
N LEU A 36 5.51 -3.87 -8.35
CA LEU A 36 4.98 -5.12 -7.78
C LEU A 36 4.96 -6.27 -8.82
N LYS A 37 4.65 -5.93 -10.07
CA LYS A 37 4.60 -6.90 -11.18
C LYS A 37 6.01 -7.36 -11.60
N GLU A 38 6.96 -6.41 -11.65
CA GLU A 38 8.36 -6.67 -12.04
C GLU A 38 9.09 -7.46 -10.96
N HIS A 39 8.70 -7.21 -9.69
CA HIS A 39 9.25 -7.91 -8.51
C HIS A 39 8.39 -9.16 -8.14
N LYS A 40 7.32 -9.42 -8.94
CA LYS A 40 6.43 -10.60 -8.82
C LYS A 40 5.68 -10.70 -7.47
N LEU A 41 5.61 -9.55 -6.76
CA LEU A 41 4.91 -9.43 -5.46
C LEU A 41 3.38 -9.59 -5.67
N LEU A 42 2.90 -9.10 -6.82
CA LEU A 42 1.58 -9.44 -7.34
C LEU A 42 1.70 -10.66 -8.29
N ASN A 1 10.55 20.01 -4.72
CA ASN A 1 11.13 18.65 -4.59
C ASN A 1 10.11 17.72 -3.92
N ASP A 2 10.22 16.41 -4.21
CA ASP A 2 9.46 15.35 -3.53
C ASP A 2 10.43 14.26 -3.04
N HIS A 3 10.09 13.70 -1.87
CA HIS A 3 10.81 12.58 -1.23
C HIS A 3 9.74 11.56 -0.80
N GLN A 4 10.12 10.28 -0.71
CA GLN A 4 9.23 9.18 -0.27
C GLN A 4 8.64 9.47 1.13
N ASP A 5 7.41 8.99 1.39
CA ASP A 5 6.73 9.24 2.67
C ASP A 5 7.31 8.31 3.76
N LEU A 6 7.18 8.74 5.03
CA LEU A 6 7.63 7.97 6.19
C LEU A 6 6.65 6.84 6.44
N ARG A 7 7.14 5.62 6.25
CA ARG A 7 6.35 4.39 6.33
C ARG A 7 6.23 3.96 7.82
N GLU A 8 5.40 4.68 8.57
CA GLU A 8 5.25 4.51 10.02
C GLU A 8 4.33 3.32 10.35
N ILE A 9 4.70 2.56 11.40
CA ILE A 9 3.99 1.34 11.82
C ILE A 9 2.60 1.70 12.38
N THR A 10 1.55 1.10 11.82
CA THR A 10 0.17 1.23 12.31
C THR A 10 -0.05 0.23 13.47
N LYS A 11 -0.78 0.68 14.51
CA LYS A 11 -1.03 -0.12 15.72
C LYS A 11 -2.23 -1.04 15.48
N ASP A 12 -3.44 -0.44 15.45
CA ASP A 12 -4.70 -1.20 15.38
C ASP A 12 -4.78 -2.04 14.08
N SER A 13 -5.15 -3.33 14.23
CA SER A 13 -5.12 -4.32 13.15
C SER A 13 -6.07 -3.97 11.98
N LYS A 14 -7.27 -3.46 12.33
CA LYS A 14 -8.27 -3.02 11.33
C LYS A 14 -7.78 -1.79 10.56
N MET A 15 -7.10 -0.87 11.26
CA MET A 15 -6.50 0.34 10.64
C MET A 15 -5.36 -0.07 9.68
N GLN A 16 -4.62 -1.15 10.03
CA GLN A 16 -3.60 -1.75 9.15
C GLN A 16 -4.26 -2.27 7.86
N LYS A 17 -5.42 -2.96 8.02
CA LYS A 17 -6.18 -3.55 6.90
C LYS A 17 -6.79 -2.47 5.99
N LEU A 18 -7.17 -1.32 6.57
CA LEU A 18 -7.72 -0.18 5.82
C LEU A 18 -6.61 0.52 5.01
N ALA A 19 -5.40 0.59 5.61
CA ALA A 19 -4.19 1.15 4.98
C ALA A 19 -3.75 0.28 3.79
N LEU A 20 -3.77 -1.04 4.03
CA LEU A 20 -3.42 -2.07 3.03
C LEU A 20 -4.47 -2.13 1.91
N ALA A 21 -5.75 -1.91 2.28
CA ALA A 21 -6.87 -1.88 1.31
C ALA A 21 -6.66 -0.72 0.33
N GLY A 22 -6.46 0.49 0.88
CA GLY A 22 -6.24 1.69 0.08
C GLY A 22 -5.01 1.60 -0.81
N PHE A 23 -3.96 0.91 -0.29
CA PHE A 23 -2.77 0.52 -1.07
C PHE A 23 -3.20 -0.34 -2.27
N LEU A 24 -3.91 -1.44 -2.00
CA LEU A 24 -4.30 -2.44 -3.02
C LEU A 24 -5.16 -1.84 -4.15
N LYS A 25 -5.98 -0.83 -3.83
CA LYS A 25 -6.80 -0.12 -4.83
C LYS A 25 -5.95 0.89 -5.63
N LYS A 26 -5.11 1.70 -4.95
CA LYS A 26 -4.34 2.80 -5.60
C LYS A 26 -3.34 2.23 -6.62
N ILE A 27 -2.99 0.93 -6.44
CA ILE A 27 -2.13 0.17 -7.39
C ILE A 27 -2.58 0.36 -8.85
N LYS A 28 -3.90 0.30 -9.07
CA LYS A 28 -4.50 0.40 -10.42
C LYS A 28 -4.42 1.82 -11.03
N GLY A 29 -3.94 2.79 -10.24
CA GLY A 29 -3.77 4.18 -10.69
C GLY A 29 -2.40 4.74 -10.34
N THR A 30 -1.38 3.87 -10.22
CA THR A 30 0.02 4.27 -9.95
C THR A 30 1.02 3.25 -10.52
N TYR A 31 2.25 3.74 -10.76
CA TYR A 31 3.39 2.96 -11.31
C TYR A 31 3.75 1.75 -10.41
N ILE A 32 3.44 1.87 -9.09
CA ILE A 32 3.69 0.81 -8.07
C ILE A 32 3.13 -0.55 -8.53
N GLU A 33 2.04 -0.52 -9.34
CA GLU A 33 1.49 -1.73 -9.98
C GLU A 33 2.59 -2.51 -10.71
N SER A 34 3.26 -1.80 -11.63
CA SER A 34 4.34 -2.35 -12.45
C SER A 34 5.45 -2.92 -11.55
N LEU A 35 5.84 -2.16 -10.51
CA LEU A 35 6.92 -2.57 -9.58
C LEU A 35 6.61 -3.92 -8.93
N LEU A 36 5.36 -4.08 -8.47
CA LEU A 36 4.89 -5.28 -7.76
C LEU A 36 4.83 -6.51 -8.70
N LYS A 37 4.35 -6.28 -9.93
CA LYS A 37 4.24 -7.34 -10.95
C LYS A 37 5.63 -7.86 -11.40
N GLU A 38 6.53 -6.91 -11.70
CA GLU A 38 7.88 -7.20 -12.21
C GLU A 38 8.76 -7.86 -11.14
N HIS A 39 8.68 -7.32 -9.90
CA HIS A 39 9.44 -7.84 -8.72
C HIS A 39 8.75 -9.07 -8.09
N LYS A 40 7.58 -9.47 -8.66
CA LYS A 40 6.83 -10.70 -8.29
C LYS A 40 6.31 -10.65 -6.83
N LEU A 41 6.08 -9.43 -6.34
CA LEU A 41 5.47 -9.18 -5.01
C LEU A 41 3.95 -9.43 -5.10
N LEU A 42 3.39 -9.13 -6.29
CA LEU A 42 2.08 -9.61 -6.72
C LEU A 42 2.30 -10.69 -7.81
N ASN A 1 -10.86 14.53 13.36
CA ASN A 1 -11.44 13.18 13.53
C ASN A 1 -10.94 12.25 12.42
N ASP A 2 -11.32 12.58 11.17
CA ASP A 2 -10.98 11.79 9.97
C ASP A 2 -9.62 12.23 9.42
N HIS A 3 -8.70 11.26 9.21
CA HIS A 3 -7.32 11.53 8.77
C HIS A 3 -6.72 10.31 8.07
N GLN A 4 -5.63 10.56 7.34
CA GLN A 4 -4.71 9.50 6.89
C GLN A 4 -3.60 9.35 7.95
N ASP A 5 -3.47 8.13 8.49
CA ASP A 5 -2.42 7.79 9.47
C ASP A 5 -1.04 7.76 8.81
N LEU A 6 0.03 7.76 9.63
CA LEU A 6 1.42 7.70 9.10
C LEU A 6 1.70 6.29 8.57
N ARG A 7 2.44 6.22 7.45
CA ARG A 7 2.79 4.97 6.77
C ARG A 7 3.96 4.26 7.49
N GLU A 8 3.65 3.71 8.67
CA GLU A 8 4.63 3.02 9.54
C GLU A 8 4.03 1.68 9.99
N ILE A 9 4.76 0.94 10.87
CA ILE A 9 4.23 -0.29 11.47
C ILE A 9 3.03 0.06 12.37
N THR A 10 1.84 -0.33 11.91
CA THR A 10 0.58 -0.01 12.57
C THR A 10 0.21 -1.10 13.59
N LYS A 11 -0.30 -0.66 14.75
CA LYS A 11 -0.57 -1.51 15.91
C LYS A 11 -1.99 -2.08 15.82
N ASP A 12 -2.92 -1.24 15.35
CA ASP A 12 -4.35 -1.57 15.29
C ASP A 12 -4.69 -2.27 13.96
N SER A 13 -5.47 -3.36 14.07
CA SER A 13 -5.84 -4.21 12.93
C SER A 13 -6.71 -3.44 11.90
N LYS A 14 -7.67 -2.62 12.38
CA LYS A 14 -8.59 -1.85 11.52
C LYS A 14 -7.81 -0.80 10.71
N MET A 15 -6.88 -0.11 11.38
CA MET A 15 -6.05 0.91 10.74
C MET A 15 -5.13 0.26 9.69
N GLN A 16 -4.66 -0.98 9.96
CA GLN A 16 -3.92 -1.81 8.98
C GLN A 16 -4.80 -2.16 7.78
N LYS A 17 -6.08 -2.47 8.03
CA LYS A 17 -7.04 -2.83 6.96
C LYS A 17 -7.27 -1.64 6.03
N LEU A 18 -7.34 -0.43 6.60
CA LEU A 18 -7.55 0.82 5.83
C LEU A 18 -6.29 1.15 4.99
N ALA A 19 -5.11 1.00 5.63
CA ALA A 19 -3.80 1.30 5.00
C ALA A 19 -3.52 0.33 3.83
N LEU A 20 -3.65 -0.97 4.11
CA LEU A 20 -3.34 -2.06 3.16
C LEU A 20 -4.38 -2.12 2.04
N ALA A 21 -5.68 -1.95 2.36
CA ALA A 21 -6.73 -1.96 1.34
C ALA A 21 -6.55 -0.77 0.40
N GLY A 22 -6.40 0.44 0.97
CA GLY A 22 -6.15 1.66 0.17
C GLY A 22 -4.98 1.50 -0.78
N PHE A 23 -3.92 0.85 -0.27
CA PHE A 23 -2.75 0.42 -1.07
C PHE A 23 -3.18 -0.52 -2.21
N LEU A 24 -3.91 -1.61 -1.87
CA LEU A 24 -4.29 -2.67 -2.83
C LEU A 24 -5.18 -2.14 -3.97
N LYS A 25 -6.04 -1.17 -3.66
CA LYS A 25 -6.89 -0.52 -4.66
C LYS A 25 -6.04 0.37 -5.60
N LYS A 26 -5.28 1.32 -4.99
CA LYS A 26 -4.55 2.36 -5.74
C LYS A 26 -3.55 1.76 -6.74
N ILE A 27 -3.11 0.49 -6.48
CA ILE A 27 -2.20 -0.27 -7.38
C ILE A 27 -2.62 -0.11 -8.85
N LYS A 28 -3.92 -0.29 -9.11
CA LYS A 28 -4.48 -0.29 -10.47
C LYS A 28 -4.21 1.05 -11.21
N GLY A 29 -4.19 2.15 -10.45
CA GLY A 29 -3.97 3.49 -11.02
C GLY A 29 -2.75 4.19 -10.42
N THR A 30 -1.62 3.47 -10.30
CA THR A 30 -0.33 4.06 -9.87
C THR A 30 0.87 3.28 -10.45
N TYR A 31 2.07 3.86 -10.28
CA TYR A 31 3.34 3.28 -10.76
C TYR A 31 3.71 2.02 -9.96
N ILE A 32 3.24 1.95 -8.69
CA ILE A 32 3.53 0.84 -7.75
C ILE A 32 3.16 -0.52 -8.40
N GLU A 33 2.08 -0.52 -9.22
CA GLU A 33 1.64 -1.72 -9.98
C GLU A 33 2.81 -2.34 -10.74
N SER A 34 3.52 -1.49 -11.49
CA SER A 34 4.68 -1.88 -12.30
C SER A 34 5.76 -2.54 -11.42
N LEU A 35 6.09 -1.88 -10.30
CA LEU A 35 7.12 -2.36 -9.35
C LEU A 35 6.80 -3.79 -8.85
N LEU A 36 5.52 -3.98 -8.53
CA LEU A 36 4.99 -5.25 -7.99
C LEU A 36 5.04 -6.38 -9.05
N LYS A 37 4.65 -6.03 -10.29
CA LYS A 37 4.65 -6.98 -11.43
C LYS A 37 6.07 -7.39 -11.83
N GLU A 38 7.02 -6.43 -11.77
CA GLU A 38 8.41 -6.63 -12.20
C GLU A 38 9.20 -7.42 -11.15
N HIS A 39 8.86 -7.21 -9.87
CA HIS A 39 9.49 -7.94 -8.75
C HIS A 39 8.68 -9.22 -8.38
N LYS A 40 7.55 -9.45 -9.09
CA LYS A 40 6.64 -10.61 -8.87
C LYS A 40 6.16 -10.70 -7.39
N LEU A 41 5.87 -9.53 -6.79
CA LEU A 41 5.35 -9.44 -5.41
C LEU A 41 3.86 -9.79 -5.38
N LEU A 42 3.12 -9.28 -6.37
CA LEU A 42 1.72 -9.69 -6.62
C LEU A 42 1.70 -11.10 -7.25
N ASN A 1 10.82 -3.28 0.13
CA ASN A 1 10.34 -2.21 1.04
C ASN A 1 11.53 -1.34 1.46
N ASP A 2 11.39 -0.01 1.31
CA ASP A 2 12.47 0.97 1.52
C ASP A 2 11.86 2.37 1.71
N HIS A 3 10.96 2.73 0.80
CA HIS A 3 10.09 3.92 0.91
C HIS A 3 8.63 3.45 0.73
N GLN A 4 8.48 2.31 0.01
CA GLN A 4 7.22 1.57 -0.09
C GLN A 4 6.94 0.90 1.26
N ASP A 5 5.66 0.96 1.69
CA ASP A 5 5.19 0.81 3.09
C ASP A 5 5.92 -0.30 3.89
N LEU A 6 6.69 0.12 4.88
CA LEU A 6 7.43 -0.77 5.80
C LEU A 6 6.45 -1.41 6.79
N ARG A 7 6.55 -2.74 6.93
CA ARG A 7 5.63 -3.54 7.75
C ARG A 7 6.09 -3.56 9.20
N GLU A 8 5.50 -2.64 9.99
CA GLU A 8 5.74 -2.48 11.43
C GLU A 8 4.88 -3.47 12.25
N ILE A 9 4.79 -3.24 13.58
CA ILE A 9 3.87 -4.00 14.45
C ILE A 9 2.41 -3.64 14.10
N THR A 10 1.52 -4.64 14.06
CA THR A 10 0.10 -4.42 13.84
C THR A 10 -0.60 -4.13 15.20
N LYS A 11 -0.58 -2.84 15.60
CA LYS A 11 -1.21 -2.38 16.86
C LYS A 11 -2.73 -2.35 16.70
N ASP A 12 -3.17 -1.81 15.56
CA ASP A 12 -4.60 -1.59 15.29
C ASP A 12 -4.99 -2.22 13.94
N SER A 13 -5.94 -3.17 14.00
CA SER A 13 -6.42 -3.95 12.84
C SER A 13 -7.02 -3.04 11.76
N LYS A 14 -7.82 -2.05 12.18
CA LYS A 14 -8.51 -1.11 11.26
C LYS A 14 -7.49 -0.28 10.47
N MET A 15 -6.54 0.35 11.20
CA MET A 15 -5.54 1.25 10.59
C MET A 15 -4.66 0.50 9.57
N GLN A 16 -4.13 -0.68 9.97
CA GLN A 16 -3.32 -1.53 9.08
C GLN A 16 -4.12 -2.00 7.86
N LYS A 17 -5.40 -2.38 8.08
CA LYS A 17 -6.26 -2.92 7.00
C LYS A 17 -6.66 -1.84 5.99
N LEU A 18 -6.90 -0.61 6.47
CA LEU A 18 -7.26 0.54 5.61
C LEU A 18 -6.05 0.99 4.78
N ALA A 19 -4.85 0.87 5.40
CA ALA A 19 -3.58 1.13 4.72
C ALA A 19 -3.34 0.11 3.59
N LEU A 20 -3.60 -1.18 3.90
CA LEU A 20 -3.40 -2.31 2.97
C LEU A 20 -4.42 -2.28 1.82
N ALA A 21 -5.70 -2.04 2.15
CA ALA A 21 -6.80 -2.05 1.18
C ALA A 21 -6.72 -0.84 0.25
N GLY A 22 -6.37 0.32 0.83
CA GLY A 22 -6.16 1.55 0.05
C GLY A 22 -4.93 1.45 -0.84
N PHE A 23 -3.89 0.75 -0.34
CA PHE A 23 -2.71 0.38 -1.12
C PHE A 23 -3.12 -0.51 -2.31
N LEU A 24 -3.90 -1.56 -2.04
CA LEU A 24 -4.32 -2.55 -3.06
C LEU A 24 -5.18 -1.92 -4.17
N LYS A 25 -6.00 -0.93 -3.79
CA LYS A 25 -6.82 -0.19 -4.75
C LYS A 25 -5.97 0.73 -5.62
N LYS A 26 -5.08 1.53 -4.96
CA LYS A 26 -4.29 2.55 -5.66
C LYS A 26 -3.37 1.92 -6.72
N ILE A 27 -2.99 0.62 -6.51
CA ILE A 27 -2.20 -0.19 -7.47
C ILE A 27 -2.76 -0.05 -8.89
N LYS A 28 -4.10 -0.18 -8.99
CA LYS A 28 -4.81 -0.27 -10.28
C LYS A 28 -4.92 1.13 -10.97
N GLY A 29 -4.33 2.17 -10.33
CA GLY A 29 -4.24 3.51 -10.91
C GLY A 29 -2.97 4.26 -10.50
N THR A 30 -1.84 3.51 -10.37
CA THR A 30 -0.52 4.12 -10.04
C THR A 30 0.62 3.31 -10.67
N TYR A 31 1.85 3.85 -10.53
CA TYR A 31 3.10 3.22 -11.04
C TYR A 31 3.48 1.97 -10.21
N ILE A 32 3.07 1.95 -8.91
CA ILE A 32 3.40 0.85 -7.95
C ILE A 32 2.97 -0.52 -8.49
N GLU A 33 1.92 -0.55 -9.35
CA GLU A 33 1.49 -1.77 -10.06
C GLU A 33 2.67 -2.41 -10.80
N SER A 34 3.33 -1.60 -11.64
CA SER A 34 4.50 -2.03 -12.41
C SER A 34 5.60 -2.56 -11.49
N LEU A 35 5.86 -1.88 -10.35
CA LEU A 35 6.91 -2.28 -9.39
C LEU A 35 6.64 -3.69 -8.83
N LEU A 36 5.40 -3.91 -8.38
CA LEU A 36 4.98 -5.16 -7.72
C LEU A 36 4.98 -6.34 -8.71
N LYS A 37 4.62 -6.06 -9.98
CA LYS A 37 4.59 -7.05 -11.05
C LYS A 37 6.01 -7.47 -11.46
N GLU A 38 6.91 -6.47 -11.66
CA GLU A 38 8.31 -6.71 -12.07
C GLU A 38 9.10 -7.41 -10.95
N HIS A 39 8.83 -7.01 -9.70
CA HIS A 39 9.48 -7.56 -8.49
C HIS A 39 8.84 -8.88 -8.03
N LYS A 40 7.82 -9.36 -8.79
CA LYS A 40 7.16 -10.68 -8.60
C LYS A 40 6.46 -10.80 -7.22
N LEU A 41 6.07 -9.67 -6.63
CA LEU A 41 5.44 -9.62 -5.30
C LEU A 41 3.96 -10.02 -5.40
N LEU A 42 3.22 -9.36 -6.30
CA LEU A 42 1.84 -9.76 -6.67
C LEU A 42 1.86 -11.14 -7.38
N ASN A 1 -3.94 31.23 22.71
CA ASN A 1 -2.67 30.50 22.90
C ASN A 1 -2.92 29.01 22.73
N ASP A 2 -2.50 28.46 21.57
CA ASP A 2 -2.58 27.01 21.29
C ASP A 2 -1.59 26.25 22.19
N HIS A 3 -2.03 25.09 22.70
CA HIS A 3 -1.22 24.22 23.54
C HIS A 3 -1.65 22.76 23.28
N GLN A 4 -1.56 22.36 21.99
CA GLN A 4 -1.88 20.98 21.57
C GLN A 4 -0.72 20.03 21.95
N ASP A 5 -0.92 18.73 21.69
CA ASP A 5 0.11 17.70 21.95
C ASP A 5 0.06 16.68 20.82
N LEU A 6 1.23 16.12 20.47
CA LEU A 6 1.37 15.15 19.39
C LEU A 6 0.72 13.82 19.81
N ARG A 7 -0.32 13.44 19.06
CA ARG A 7 -1.13 12.23 19.34
C ARG A 7 -0.35 10.96 19.00
N GLU A 8 -0.70 9.87 19.68
CA GLU A 8 -0.12 8.56 19.41
C GLU A 8 -0.72 7.99 18.11
N ILE A 9 0.14 7.34 17.31
CA ILE A 9 -0.29 6.71 16.05
C ILE A 9 -1.16 5.50 16.36
N THR A 10 -2.44 5.55 15.94
CA THR A 10 -3.32 4.40 16.01
C THR A 10 -2.91 3.37 14.95
N LYS A 11 -1.96 2.51 15.34
CA LYS A 11 -1.41 1.44 14.49
C LYS A 11 -2.22 0.13 14.68
N ASP A 12 -3.51 0.29 14.98
CA ASP A 12 -4.44 -0.82 15.25
C ASP A 12 -4.55 -1.74 14.02
N SER A 13 -4.80 -3.03 14.26
CA SER A 13 -4.91 -4.06 13.20
C SER A 13 -5.96 -3.66 12.14
N LYS A 14 -7.05 -3.01 12.59
CA LYS A 14 -8.10 -2.50 11.68
C LYS A 14 -7.48 -1.46 10.71
N MET A 15 -6.73 -0.51 11.28
CA MET A 15 -6.05 0.55 10.51
C MET A 15 -5.01 -0.05 9.53
N GLN A 16 -4.38 -1.19 9.92
CA GLN A 16 -3.40 -1.91 9.09
C GLN A 16 -4.09 -2.53 7.85
N LYS A 17 -5.26 -3.16 8.08
CA LYS A 17 -6.05 -3.80 6.99
C LYS A 17 -6.67 -2.73 6.07
N LEU A 18 -6.98 -1.55 6.62
CA LEU A 18 -7.49 -0.40 5.82
C LEU A 18 -6.37 0.19 4.94
N ALA A 19 -5.15 0.27 5.51
CA ALA A 19 -3.97 0.79 4.81
C ALA A 19 -3.57 -0.15 3.66
N LEU A 20 -3.64 -1.47 3.92
CA LEU A 20 -3.37 -2.50 2.92
C LEU A 20 -4.46 -2.53 1.84
N ALA A 21 -5.73 -2.33 2.26
CA ALA A 21 -6.87 -2.31 1.33
C ALA A 21 -6.74 -1.13 0.35
N GLY A 22 -6.58 0.08 0.91
CA GLY A 22 -6.40 1.30 0.12
C GLY A 22 -5.21 1.23 -0.81
N PHE A 23 -4.13 0.57 -0.34
CA PHE A 23 -2.97 0.22 -1.16
C PHE A 23 -3.40 -0.66 -2.35
N LEU A 24 -4.09 -1.79 -2.04
CA LEU A 24 -4.46 -2.83 -3.03
C LEU A 24 -5.36 -2.29 -4.16
N LYS A 25 -6.17 -1.26 -3.85
CA LYS A 25 -6.97 -0.54 -4.87
C LYS A 25 -6.06 0.42 -5.69
N LYS A 26 -5.35 1.34 -4.98
CA LYS A 26 -4.59 2.44 -5.63
C LYS A 26 -3.50 1.92 -6.58
N ILE A 27 -3.11 0.62 -6.42
CA ILE A 27 -2.16 -0.09 -7.30
C ILE A 27 -2.43 0.22 -8.78
N LYS A 28 -3.71 0.12 -9.17
CA LYS A 28 -4.12 0.26 -10.59
C LYS A 28 -3.84 1.67 -11.13
N GLY A 29 -3.86 2.67 -10.24
CA GLY A 29 -3.63 4.07 -10.62
C GLY A 29 -2.33 4.64 -10.08
N THR A 30 -1.29 3.80 -9.92
CA THR A 30 0.05 4.25 -9.47
C THR A 30 1.17 3.38 -10.07
N TYR A 31 2.40 3.91 -9.99
CA TYR A 31 3.64 3.24 -10.46
C TYR A 31 3.94 1.95 -9.68
N ILE A 32 3.43 1.89 -8.42
CA ILE A 32 3.63 0.74 -7.52
C ILE A 32 3.17 -0.57 -8.20
N GLU A 33 2.16 -0.49 -9.11
CA GLU A 33 1.73 -1.65 -9.92
C GLU A 33 2.93 -2.26 -10.64
N SER A 34 3.70 -1.40 -11.34
CA SER A 34 4.92 -1.81 -12.07
C SER A 34 5.91 -2.50 -11.11
N LEU A 35 6.11 -1.91 -9.91
CA LEU A 35 7.03 -2.48 -8.90
C LEU A 35 6.59 -3.91 -8.50
N LEU A 36 5.29 -4.10 -8.33
CA LEU A 36 4.70 -5.38 -7.91
C LEU A 36 4.70 -6.41 -9.05
N LYS A 37 4.66 -5.92 -10.30
CA LYS A 37 4.76 -6.76 -11.51
C LYS A 37 6.21 -7.21 -11.75
N GLU A 38 7.15 -6.29 -11.49
CA GLU A 38 8.60 -6.51 -11.74
C GLU A 38 9.22 -7.37 -10.63
N HIS A 39 8.70 -7.21 -9.40
CA HIS A 39 9.09 -8.03 -8.24
C HIS A 39 8.19 -9.27 -8.12
N LYS A 40 7.17 -9.37 -9.02
CA LYS A 40 6.26 -10.53 -9.17
C LYS A 40 5.47 -10.82 -7.87
N LEU A 41 5.22 -9.75 -7.08
CA LEU A 41 4.49 -9.84 -5.81
C LEU A 41 2.99 -10.06 -6.08
N LEU A 42 2.45 -9.35 -7.08
CA LEU A 42 1.09 -9.59 -7.59
C LEU A 42 1.09 -10.90 -8.41
N ASN A 1 -10.48 14.44 -5.69
CA ASN A 1 -10.45 14.11 -4.25
C ASN A 1 -9.09 13.50 -3.87
N ASP A 2 -8.10 14.39 -3.68
CA ASP A 2 -6.74 14.00 -3.25
C ASP A 2 -6.57 14.26 -1.76
N HIS A 3 -6.17 13.21 -1.03
CA HIS A 3 -5.82 13.29 0.40
C HIS A 3 -4.78 12.21 0.70
N GLN A 4 -3.91 11.93 -0.31
CA GLN A 4 -2.96 10.79 -0.32
C GLN A 4 -2.16 10.69 1.01
N ASP A 5 -2.58 9.72 1.83
CA ASP A 5 -2.13 9.58 3.22
C ASP A 5 -0.96 8.60 3.33
N LEU A 6 -0.04 8.88 4.27
CA LEU A 6 1.14 8.05 4.52
C LEU A 6 0.80 6.96 5.53
N ARG A 7 1.71 6.00 5.65
CA ARG A 7 1.50 4.79 6.47
C ARG A 7 2.44 4.80 7.67
N GLU A 8 1.85 4.99 8.85
CA GLU A 8 2.56 5.06 10.13
C GLU A 8 2.74 3.66 10.71
N ILE A 9 3.68 3.53 11.66
CA ILE A 9 3.81 2.31 12.47
C ILE A 9 2.60 2.24 13.41
N THR A 10 1.74 1.26 13.18
CA THR A 10 0.42 1.13 13.82
C THR A 10 0.18 -0.35 14.18
N LYS A 11 -0.33 -0.63 15.39
CA LYS A 11 -0.65 -2.02 15.83
C LYS A 11 -2.17 -2.26 15.87
N ASP A 12 -2.97 -1.22 15.55
CA ASP A 12 -4.43 -1.34 15.38
C ASP A 12 -4.72 -2.01 14.03
N SER A 13 -5.19 -3.27 14.09
CA SER A 13 -5.35 -4.13 12.91
C SER A 13 -6.39 -3.57 11.91
N LYS A 14 -7.42 -2.86 12.44
CA LYS A 14 -8.46 -2.23 11.60
C LYS A 14 -7.81 -1.21 10.65
N MET A 15 -7.08 -0.24 11.22
CA MET A 15 -6.46 0.85 10.45
C MET A 15 -5.34 0.33 9.54
N GLN A 16 -4.63 -0.73 9.97
CA GLN A 16 -3.60 -1.39 9.14
C GLN A 16 -4.23 -1.96 7.85
N LYS A 17 -5.30 -2.76 8.01
CA LYS A 17 -5.95 -3.47 6.89
C LYS A 17 -6.69 -2.52 5.95
N LEU A 18 -7.21 -1.40 6.50
CA LEU A 18 -7.88 -0.35 5.70
C LEU A 18 -6.84 0.50 4.93
N ALA A 19 -5.65 0.67 5.54
CA ALA A 19 -4.51 1.34 4.91
C ALA A 19 -3.94 0.50 3.75
N LEU A 20 -3.87 -0.82 4.00
CA LEU A 20 -3.40 -1.82 3.03
C LEU A 20 -4.42 -2.03 1.92
N ALA A 21 -5.72 -1.93 2.26
CA ALA A 21 -6.81 -1.98 1.27
C ALA A 21 -6.67 -0.80 0.30
N GLY A 22 -6.58 0.42 0.86
CA GLY A 22 -6.40 1.65 0.07
C GLY A 22 -5.12 1.63 -0.78
N PHE A 23 -4.09 0.94 -0.26
CA PHE A 23 -2.86 0.63 -1.01
C PHE A 23 -3.19 -0.28 -2.20
N LEU A 24 -3.89 -1.41 -1.95
CA LEU A 24 -4.21 -2.42 -2.98
C LEU A 24 -5.01 -1.83 -4.15
N LYS A 25 -5.86 -0.84 -3.85
CA LYS A 25 -6.64 -0.11 -4.86
C LYS A 25 -5.76 0.88 -5.65
N LYS A 26 -4.97 1.73 -4.92
CA LYS A 26 -4.17 2.80 -5.57
C LYS A 26 -3.16 2.22 -6.58
N ILE A 27 -2.75 0.92 -6.36
CA ILE A 27 -1.86 0.16 -7.26
C ILE A 27 -2.30 0.27 -8.74
N LYS A 28 -3.61 0.05 -8.96
CA LYS A 28 -4.18 -0.06 -10.33
C LYS A 28 -4.50 1.34 -10.92
N GLY A 29 -4.00 2.39 -10.25
CA GLY A 29 -4.05 3.76 -10.74
C GLY A 29 -2.73 4.48 -10.55
N THR A 30 -1.62 3.71 -10.49
CA THR A 30 -0.27 4.28 -10.29
C THR A 30 0.82 3.35 -10.86
N TYR A 31 2.08 3.84 -10.81
CA TYR A 31 3.29 3.13 -11.30
C TYR A 31 3.60 1.87 -10.48
N ILE A 32 3.19 1.88 -9.19
CA ILE A 32 3.46 0.77 -8.24
C ILE A 32 2.91 -0.58 -8.75
N GLU A 33 1.90 -0.54 -9.67
CA GLU A 33 1.42 -1.75 -10.38
C GLU A 33 2.61 -2.48 -11.03
N SER A 34 3.36 -1.70 -11.84
CA SER A 34 4.56 -2.19 -12.55
C SER A 34 5.56 -2.80 -11.58
N LEU A 35 5.87 -2.04 -10.49
CA LEU A 35 6.88 -2.44 -9.49
C LEU A 35 6.58 -3.83 -8.91
N LEU A 36 5.32 -4.03 -8.49
CA LEU A 36 4.88 -5.26 -7.83
C LEU A 36 4.83 -6.45 -8.80
N LYS A 37 4.48 -6.17 -10.07
CA LYS A 37 4.47 -7.18 -11.15
C LYS A 37 5.91 -7.61 -11.53
N GLU A 38 6.84 -6.63 -11.54
CA GLU A 38 8.25 -6.85 -11.95
C GLU A 38 9.03 -7.57 -10.84
N HIS A 39 8.78 -7.15 -9.58
CA HIS A 39 9.45 -7.71 -8.39
C HIS A 39 8.74 -8.99 -7.89
N LYS A 40 7.64 -9.38 -8.59
CA LYS A 40 6.89 -10.66 -8.38
C LYS A 40 6.27 -10.74 -6.97
N LEU A 41 5.91 -9.57 -6.43
CA LEU A 41 5.32 -9.45 -5.07
C LEU A 41 3.83 -9.80 -5.10
N LEU A 42 3.12 -9.30 -6.13
CA LEU A 42 1.72 -9.72 -6.41
C LEU A 42 1.73 -11.13 -7.07
N ASN A 1 12.82 9.91 -10.50
CA ASN A 1 11.92 8.78 -10.77
C ASN A 1 11.34 8.24 -9.45
N ASP A 2 12.23 7.66 -8.62
CA ASP A 2 11.84 7.08 -7.31
C ASP A 2 12.02 8.09 -6.18
N HIS A 3 11.55 7.68 -5.00
CA HIS A 3 11.63 8.45 -3.74
C HIS A 3 11.69 7.46 -2.56
N GLN A 4 12.84 7.45 -1.85
CA GLN A 4 13.05 6.57 -0.70
C GLN A 4 12.59 7.28 0.57
N ASP A 5 11.41 6.89 1.04
CA ASP A 5 10.80 7.38 2.29
C ASP A 5 10.43 6.17 3.16
N LEU A 6 10.76 6.25 4.45
CA LEU A 6 10.60 5.13 5.40
C LEU A 6 9.12 4.95 5.77
N ARG A 7 8.68 3.69 5.78
CA ARG A 7 7.29 3.31 6.05
C ARG A 7 6.88 3.67 7.50
N GLU A 8 5.67 4.20 7.65
CA GLU A 8 5.10 4.54 8.97
C GLU A 8 4.69 3.24 9.71
N ILE A 9 5.09 3.16 10.98
CA ILE A 9 4.81 1.99 11.83
C ILE A 9 3.46 2.17 12.54
N THR A 10 2.44 1.44 12.06
CA THR A 10 1.09 1.43 12.62
C THR A 10 0.74 -0.01 13.03
N LYS A 11 0.23 -0.19 14.26
CA LYS A 11 -0.12 -1.51 14.82
C LYS A 11 -1.65 -1.68 14.99
N ASP A 12 -2.38 -0.57 14.75
CA ASP A 12 -3.86 -0.53 14.89
C ASP A 12 -4.50 -1.43 13.82
N SER A 13 -5.35 -2.37 14.26
CA SER A 13 -5.93 -3.42 13.41
C SER A 13 -6.82 -2.83 12.29
N LYS A 14 -7.65 -1.84 12.65
CA LYS A 14 -8.56 -1.16 11.72
C LYS A 14 -7.78 -0.43 10.62
N MET A 15 -6.86 0.45 11.05
CA MET A 15 -6.09 1.32 10.16
C MET A 15 -5.20 0.51 9.19
N GLN A 16 -4.61 -0.59 9.69
CA GLN A 16 -3.73 -1.47 8.88
C GLN A 16 -4.54 -2.31 7.89
N LYS A 17 -5.73 -2.76 8.29
CA LYS A 17 -6.65 -3.50 7.41
C LYS A 17 -7.06 -2.60 6.22
N LEU A 18 -7.36 -1.33 6.55
CA LEU A 18 -7.75 -0.31 5.57
C LEU A 18 -6.53 0.22 4.78
N ALA A 19 -5.33 0.13 5.39
CA ALA A 19 -4.08 0.56 4.75
C ALA A 19 -3.71 -0.38 3.61
N LEU A 20 -3.78 -1.69 3.90
CA LEU A 20 -3.46 -2.75 2.93
C LEU A 20 -4.56 -2.87 1.87
N ALA A 21 -5.84 -2.72 2.27
CA ALA A 21 -6.98 -2.70 1.35
C ALA A 21 -6.87 -1.52 0.36
N GLY A 22 -6.70 -0.32 0.93
CA GLY A 22 -6.57 0.92 0.15
C GLY A 22 -5.31 0.94 -0.72
N PHE A 23 -4.27 0.26 -0.25
CA PHE A 23 -3.05 -0.01 -1.04
C PHE A 23 -3.42 -0.85 -2.28
N LEU A 24 -4.10 -1.99 -2.05
CA LEU A 24 -4.47 -2.94 -3.11
C LEU A 24 -5.34 -2.30 -4.21
N LYS A 25 -6.18 -1.33 -3.84
CA LYS A 25 -6.96 -0.54 -4.81
C LYS A 25 -6.07 0.48 -5.57
N LYS A 26 -5.28 1.28 -4.81
CA LYS A 26 -4.50 2.41 -5.41
C LYS A 26 -3.48 1.91 -6.45
N ILE A 27 -3.08 0.60 -6.34
CA ILE A 27 -2.17 -0.09 -7.29
C ILE A 27 -2.58 0.18 -8.75
N LYS A 28 -3.89 0.17 -9.02
CA LYS A 28 -4.46 0.30 -10.37
C LYS A 28 -4.15 1.67 -11.01
N GLY A 29 -3.96 2.70 -10.16
CA GLY A 29 -3.71 4.07 -10.62
C GLY A 29 -2.39 4.66 -10.11
N THR A 30 -1.35 3.81 -9.98
CA THR A 30 -0.02 4.27 -9.54
C THR A 30 1.11 3.42 -10.15
N TYR A 31 2.34 3.99 -10.11
CA TYR A 31 3.57 3.34 -10.60
C TYR A 31 3.90 2.07 -9.81
N ILE A 32 3.44 2.02 -8.53
CA ILE A 32 3.68 0.88 -7.60
C ILE A 32 3.27 -0.45 -8.25
N GLU A 33 2.21 -0.45 -9.10
CA GLU A 33 1.78 -1.63 -9.87
C GLU A 33 2.94 -2.24 -10.65
N SER A 34 3.68 -1.39 -11.38
CA SER A 34 4.84 -1.81 -12.17
C SER A 34 5.90 -2.45 -11.27
N LEU A 35 6.15 -1.83 -10.09
CA LEU A 35 7.13 -2.36 -9.10
C LEU A 35 6.75 -3.78 -8.66
N LEU A 36 5.45 -3.97 -8.40
CA LEU A 36 4.89 -5.22 -7.84
C LEU A 36 4.86 -6.34 -8.91
N LYS A 37 4.64 -5.95 -10.18
CA LYS A 37 4.65 -6.89 -11.33
C LYS A 37 6.10 -7.34 -11.65
N GLU A 38 7.01 -6.36 -11.71
CA GLU A 38 8.42 -6.59 -12.07
C GLU A 38 9.16 -7.41 -10.99
N HIS A 39 8.76 -7.22 -9.72
CA HIS A 39 9.33 -7.99 -8.57
C HIS A 39 8.48 -9.24 -8.24
N LYS A 40 7.37 -9.43 -9.00
CA LYS A 40 6.45 -10.59 -8.88
C LYS A 40 5.84 -10.72 -7.47
N LEU A 41 5.66 -9.57 -6.80
CA LEU A 41 5.03 -9.48 -5.48
C LEU A 41 3.53 -9.80 -5.60
N LEU A 42 2.88 -9.18 -6.60
CA LEU A 42 1.51 -9.55 -7.03
C LEU A 42 1.56 -10.82 -7.91
N ASN A 1 -19.25 11.00 6.23
CA ASN A 1 -19.51 9.71 6.93
C ASN A 1 -18.21 8.89 7.05
N ASP A 2 -17.12 9.58 7.47
CA ASP A 2 -15.78 8.97 7.64
C ASP A 2 -14.99 9.71 8.73
N HIS A 3 -13.81 9.16 9.09
CA HIS A 3 -12.88 9.77 10.07
C HIS A 3 -11.45 9.61 9.56
N GLN A 4 -10.78 10.75 9.24
CA GLN A 4 -9.38 10.76 8.79
C GLN A 4 -8.47 11.14 9.97
N ASP A 5 -7.82 10.12 10.52
CA ASP A 5 -6.82 10.26 11.61
C ASP A 5 -5.54 10.93 11.07
N LEU A 6 -4.71 11.46 11.99
CA LEU A 6 -3.37 12.01 11.66
C LEU A 6 -2.49 10.93 11.04
N ARG A 7 -1.54 11.35 10.20
CA ARG A 7 -0.67 10.44 9.44
C ARG A 7 0.39 9.82 10.37
N GLU A 8 -0.04 8.74 11.06
CA GLU A 8 0.77 8.01 12.05
C GLU A 8 0.67 6.51 11.75
N ILE A 9 1.78 5.77 11.96
CA ILE A 9 1.80 4.31 11.78
C ILE A 9 1.01 3.65 12.94
N THR A 10 -0.24 3.29 12.66
CA THR A 10 -1.13 2.71 13.66
C THR A 10 -1.26 1.20 13.40
N LYS A 11 -0.61 0.40 14.28
CA LYS A 11 -0.52 -1.07 14.14
C LYS A 11 -1.82 -1.81 14.55
N ASP A 12 -2.90 -1.05 14.78
CA ASP A 12 -4.26 -1.57 15.06
C ASP A 12 -4.81 -2.39 13.88
N SER A 13 -5.65 -3.41 14.18
CA SER A 13 -6.24 -4.34 13.18
C SER A 13 -6.98 -3.59 12.07
N LYS A 14 -7.88 -2.67 12.47
CA LYS A 14 -8.74 -1.91 11.54
C LYS A 14 -7.95 -0.90 10.71
N MET A 15 -7.00 -0.22 11.38
CA MET A 15 -6.20 0.85 10.74
C MET A 15 -5.21 0.27 9.71
N GLN A 16 -4.64 -0.90 10.03
CA GLN A 16 -3.79 -1.64 9.10
C GLN A 16 -4.62 -2.22 7.95
N LYS A 17 -5.85 -2.67 8.28
CA LYS A 17 -6.77 -3.24 7.28
C LYS A 17 -7.14 -2.19 6.21
N LEU A 18 -7.38 -0.94 6.65
CA LEU A 18 -7.78 0.17 5.75
C LEU A 18 -6.56 0.74 5.01
N ALA A 19 -5.39 0.75 5.69
CA ALA A 19 -4.13 1.21 5.07
C ALA A 19 -3.70 0.26 3.93
N LEU A 20 -3.80 -1.04 4.20
CA LEU A 20 -3.45 -2.11 3.25
C LEU A 20 -4.49 -2.23 2.13
N ALA A 21 -5.78 -2.05 2.46
CA ALA A 21 -6.87 -2.04 1.46
C ALA A 21 -6.68 -0.88 0.47
N GLY A 22 -6.41 0.30 1.04
CA GLY A 22 -6.16 1.53 0.26
C GLY A 22 -4.92 1.42 -0.62
N PHE A 23 -3.88 0.72 -0.09
CA PHE A 23 -2.67 0.37 -0.84
C PHE A 23 -3.04 -0.54 -2.04
N LEU A 24 -3.80 -1.63 -1.76
CA LEU A 24 -4.20 -2.62 -2.78
C LEU A 24 -5.09 -2.02 -3.88
N LYS A 25 -5.81 -0.93 -3.55
CA LYS A 25 -6.63 -0.19 -4.51
C LYS A 25 -5.76 0.67 -5.43
N LYS A 26 -4.94 1.55 -4.79
CA LYS A 26 -4.16 2.59 -5.51
C LYS A 26 -3.18 1.98 -6.52
N ILE A 27 -2.79 0.69 -6.30
CA ILE A 27 -1.93 -0.09 -7.22
C ILE A 27 -2.40 0.08 -8.69
N LYS A 28 -3.72 -0.09 -8.88
CA LYS A 28 -4.34 -0.11 -10.21
C LYS A 28 -4.29 1.29 -10.88
N GLY A 29 -4.15 2.34 -10.05
CA GLY A 29 -4.10 3.74 -10.51
C GLY A 29 -2.73 4.40 -10.32
N THR A 30 -1.66 3.60 -10.13
CA THR A 30 -0.29 4.14 -9.94
C THR A 30 0.78 3.26 -10.63
N TYR A 31 2.02 3.80 -10.69
CA TYR A 31 3.20 3.12 -11.29
C TYR A 31 3.65 1.92 -10.43
N ILE A 32 3.36 1.96 -9.10
CA ILE A 32 3.73 0.90 -8.10
C ILE A 32 3.29 -0.49 -8.61
N GLU A 33 2.17 -0.53 -9.39
CA GLU A 33 1.69 -1.76 -10.04
C GLU A 33 2.83 -2.45 -10.79
N SER A 34 3.49 -1.68 -11.68
CA SER A 34 4.64 -2.16 -12.47
C SER A 34 5.73 -2.74 -11.57
N LEU A 35 6.08 -2.03 -10.49
CA LEU A 35 7.11 -2.48 -9.52
C LEU A 35 6.74 -3.85 -8.93
N LEU A 36 5.46 -4.02 -8.60
CA LEU A 36 4.93 -5.23 -7.96
C LEU A 36 4.83 -6.42 -8.97
N LYS A 37 4.62 -6.09 -10.26
CA LYS A 37 4.57 -7.08 -11.36
C LYS A 37 5.98 -7.59 -11.71
N GLU A 38 6.92 -6.64 -11.86
CA GLU A 38 8.30 -6.89 -12.28
C GLU A 38 9.07 -7.65 -11.17
N HIS A 39 8.83 -7.23 -9.92
CA HIS A 39 9.46 -7.84 -8.71
C HIS A 39 8.64 -9.05 -8.22
N LYS A 40 7.55 -9.37 -8.94
CA LYS A 40 6.69 -10.56 -8.70
C LYS A 40 6.07 -10.59 -7.29
N LEU A 41 5.91 -9.39 -6.69
CA LEU A 41 5.39 -9.25 -5.32
C LEU A 41 3.88 -9.54 -5.29
N LEU A 42 3.17 -9.10 -6.34
CA LEU A 42 1.78 -9.54 -6.61
C LEU A 42 1.82 -10.97 -7.20
N ASN A 1 17.89 -0.28 -9.00
CA ASN A 1 17.76 -0.68 -7.58
C ASN A 1 16.66 0.15 -6.89
N ASP A 2 15.71 -0.54 -6.24
CA ASP A 2 14.62 0.09 -5.46
C ASP A 2 15.12 0.51 -4.08
N HIS A 3 14.54 1.59 -3.57
CA HIS A 3 14.87 2.17 -2.27
C HIS A 3 13.65 2.06 -1.35
N GLN A 4 13.61 0.99 -0.54
CA GLN A 4 12.52 0.74 0.41
C GLN A 4 12.68 1.63 1.65
N ASP A 5 11.59 2.31 2.04
CA ASP A 5 11.54 3.14 3.27
C ASP A 5 11.32 2.23 4.50
N LEU A 6 11.66 2.74 5.69
CA LEU A 6 11.41 2.02 6.95
C LEU A 6 9.90 2.02 7.25
N ARG A 7 9.33 0.81 7.19
CA ARG A 7 7.89 0.58 7.40
C ARG A 7 7.48 0.95 8.84
N GLU A 8 6.64 1.99 8.96
CA GLU A 8 6.15 2.47 10.26
C GLU A 8 5.24 1.42 10.91
N ILE A 9 5.51 1.11 12.18
CA ILE A 9 4.83 0.03 12.90
C ILE A 9 3.58 0.59 13.61
N THR A 10 2.42 0.33 13.00
CA THR A 10 1.10 0.66 13.58
C THR A 10 0.47 -0.65 14.10
N LYS A 11 -0.11 -0.60 15.30
CA LYS A 11 -0.62 -1.79 16.02
C LYS A 11 -2.15 -1.74 16.13
N ASP A 12 -2.77 -0.80 15.40
CA ASP A 12 -4.23 -0.72 15.23
C ASP A 12 -4.62 -1.51 13.97
N SER A 13 -5.28 -2.66 14.16
CA SER A 13 -5.56 -3.64 13.09
C SER A 13 -6.50 -3.06 12.01
N LYS A 14 -7.36 -2.09 12.40
CA LYS A 14 -8.34 -1.47 11.48
C LYS A 14 -7.63 -0.56 10.47
N MET A 15 -6.82 0.37 11.00
CA MET A 15 -6.08 1.34 10.17
C MET A 15 -5.05 0.61 9.27
N GLN A 16 -4.42 -0.46 9.80
CA GLN A 16 -3.51 -1.31 9.02
C GLN A 16 -4.23 -2.03 7.87
N LYS A 17 -5.39 -2.63 8.18
CA LYS A 17 -6.19 -3.38 7.20
C LYS A 17 -6.70 -2.46 6.07
N LEU A 18 -7.09 -1.22 6.43
CA LEU A 18 -7.61 -0.22 5.46
C LEU A 18 -6.47 0.50 4.73
N ALA A 19 -5.27 0.52 5.33
CA ALA A 19 -4.05 1.03 4.69
C ALA A 19 -3.63 0.09 3.56
N LEU A 20 -3.66 -1.22 3.86
CA LEU A 20 -3.32 -2.29 2.89
C LEU A 20 -4.44 -2.44 1.85
N ALA A 21 -5.70 -2.29 2.27
CA ALA A 21 -6.86 -2.35 1.36
C ALA A 21 -6.82 -1.20 0.36
N GLY A 22 -6.57 0.02 0.87
CA GLY A 22 -6.42 1.22 0.05
C GLY A 22 -5.19 1.15 -0.84
N PHE A 23 -4.15 0.47 -0.36
CA PHE A 23 -2.95 0.13 -1.14
C PHE A 23 -3.32 -0.80 -2.31
N LEU A 24 -4.18 -1.79 -2.05
CA LEU A 24 -4.58 -2.79 -3.06
C LEU A 24 -5.48 -2.17 -4.15
N LYS A 25 -6.29 -1.17 -3.80
CA LYS A 25 -7.06 -0.40 -4.79
C LYS A 25 -6.12 0.48 -5.65
N LYS A 26 -5.28 1.29 -4.95
CA LYS A 26 -4.46 2.34 -5.61
C LYS A 26 -3.53 1.77 -6.68
N ILE A 27 -3.18 0.46 -6.55
CA ILE A 27 -2.31 -0.27 -7.52
C ILE A 27 -2.73 0.02 -8.98
N LYS A 28 -4.05 -0.02 -9.24
CA LYS A 28 -4.60 0.07 -10.60
C LYS A 28 -4.37 1.47 -11.24
N GLY A 29 -4.15 2.49 -10.39
CA GLY A 29 -3.93 3.87 -10.84
C GLY A 29 -2.69 4.50 -10.19
N THR A 30 -1.59 3.72 -10.07
CA THR A 30 -0.30 4.21 -9.54
C THR A 30 0.89 3.38 -10.09
N TYR A 31 2.10 3.93 -9.91
CA TYR A 31 3.38 3.31 -10.34
C TYR A 31 3.67 1.99 -9.59
N ILE A 32 3.12 1.86 -8.36
CA ILE A 32 3.35 0.70 -7.48
C ILE A 32 2.99 -0.63 -8.18
N GLU A 33 2.03 -0.59 -9.12
CA GLU A 33 1.68 -1.75 -9.96
C GLU A 33 2.91 -2.31 -10.68
N SER A 34 3.68 -1.40 -11.31
CA SER A 34 4.96 -1.73 -11.98
C SER A 34 5.90 -2.45 -11.01
N LEU A 35 6.09 -1.85 -9.81
CA LEU A 35 7.02 -2.38 -8.78
C LEU A 35 6.67 -3.84 -8.41
N LEU A 36 5.38 -4.07 -8.16
CA LEU A 36 4.86 -5.37 -7.72
C LEU A 36 4.98 -6.44 -8.82
N LYS A 37 4.73 -6.05 -10.07
CA LYS A 37 4.79 -6.94 -11.24
C LYS A 37 6.25 -7.31 -11.58
N GLU A 38 7.16 -6.31 -11.53
CA GLU A 38 8.59 -6.50 -11.82
C GLU A 38 9.26 -7.36 -10.72
N HIS A 39 8.79 -7.21 -9.47
CA HIS A 39 9.28 -7.97 -8.30
C HIS A 39 8.51 -9.29 -8.09
N LYS A 40 7.48 -9.53 -8.94
CA LYS A 40 6.64 -10.75 -8.93
C LYS A 40 5.83 -10.93 -7.62
N LEU A 41 5.63 -9.81 -6.90
CA LEU A 41 4.76 -9.75 -5.70
C LEU A 41 3.30 -9.93 -6.15
N LEU A 42 2.98 -9.30 -7.29
CA LEU A 42 1.80 -9.64 -8.09
C LEU A 42 2.23 -10.65 -9.19
N ASN A 1 11.21 12.45 -4.48
CA ASN A 1 10.21 12.59 -3.40
C ASN A 1 10.49 13.89 -2.61
N ASP A 2 9.59 14.89 -2.73
CA ASP A 2 9.74 16.19 -2.07
C ASP A 2 9.33 16.07 -0.59
N HIS A 3 8.01 15.86 -0.35
CA HIS A 3 7.42 15.79 1.00
C HIS A 3 7.74 14.44 1.66
N GLN A 4 8.45 14.50 2.79
CA GLN A 4 8.69 13.31 3.64
C GLN A 4 7.41 13.02 4.45
N ASP A 5 6.84 11.83 4.22
CA ASP A 5 5.60 11.39 4.92
C ASP A 5 5.87 11.18 6.41
N LEU A 6 4.91 11.58 7.27
CA LEU A 6 5.03 11.45 8.73
C LEU A 6 5.06 9.96 9.10
N ARG A 7 5.97 9.60 10.01
CA ARG A 7 6.23 8.20 10.42
C ARG A 7 5.45 7.89 11.69
N GLU A 8 4.12 7.98 11.57
CA GLU A 8 3.18 7.68 12.67
C GLU A 8 3.00 6.15 12.80
N ILE A 9 2.89 5.68 14.06
CA ILE A 9 2.67 4.25 14.35
C ILE A 9 1.17 3.94 14.22
N THR A 10 0.82 3.22 13.15
CA THR A 10 -0.50 2.62 12.99
C THR A 10 -0.42 1.15 13.45
N LYS A 11 -0.78 0.91 14.72
CA LYS A 11 -0.68 -0.43 15.37
C LYS A 11 -2.02 -1.20 15.28
N ASP A 12 -3.10 -0.44 15.05
CA ASP A 12 -4.48 -0.96 15.09
C ASP A 12 -4.75 -1.85 13.88
N SER A 13 -5.23 -3.09 14.13
CA SER A 13 -5.46 -4.12 13.10
C SER A 13 -6.43 -3.67 12.00
N LYS A 14 -7.54 -3.01 12.41
CA LYS A 14 -8.58 -2.53 11.48
C LYS A 14 -8.00 -1.44 10.55
N MET A 15 -7.22 -0.52 11.17
CA MET A 15 -6.55 0.58 10.43
C MET A 15 -5.41 0.05 9.53
N GLN A 16 -4.80 -1.09 9.92
CA GLN A 16 -3.80 -1.79 9.11
C GLN A 16 -4.45 -2.38 7.86
N LYS A 17 -5.67 -2.93 8.04
CA LYS A 17 -6.46 -3.51 6.93
C LYS A 17 -7.02 -2.43 6.01
N LEU A 18 -7.29 -1.23 6.55
CA LEU A 18 -7.72 -0.06 5.77
C LEU A 18 -6.54 0.56 5.00
N ALA A 19 -5.35 0.48 5.61
CA ALA A 19 -4.08 0.93 4.99
C ALA A 19 -3.72 -0.02 3.83
N LEU A 20 -3.89 -1.34 4.09
CA LEU A 20 -3.66 -2.41 3.11
C LEU A 20 -4.65 -2.32 1.97
N ALA A 21 -5.94 -2.07 2.29
CA ALA A 21 -7.01 -1.96 1.29
C ALA A 21 -6.75 -0.78 0.35
N GLY A 22 -6.53 0.41 0.95
CA GLY A 22 -6.24 1.63 0.19
C GLY A 22 -4.97 1.51 -0.66
N PHE A 23 -3.99 0.73 -0.17
CA PHE A 23 -2.80 0.32 -0.93
C PHE A 23 -3.21 -0.55 -2.14
N LEU A 24 -3.97 -1.63 -1.89
CA LEU A 24 -4.34 -2.62 -2.93
C LEU A 24 -5.16 -1.99 -4.08
N LYS A 25 -5.91 -0.91 -3.77
CA LYS A 25 -6.62 -0.10 -4.79
C LYS A 25 -5.68 0.85 -5.53
N LYS A 26 -4.83 1.63 -4.76
CA LYS A 26 -3.96 2.67 -5.35
C LYS A 26 -3.05 2.09 -6.43
N ILE A 27 -2.69 0.79 -6.25
CA ILE A 27 -1.88 -0.02 -7.19
C ILE A 27 -2.34 0.19 -8.65
N LYS A 28 -3.65 0.02 -8.88
CA LYS A 28 -4.26 0.03 -10.23
C LYS A 28 -4.15 1.42 -10.90
N GLY A 29 -3.92 2.47 -10.08
CA GLY A 29 -3.81 3.86 -10.57
C GLY A 29 -2.47 4.51 -10.22
N THR A 30 -1.38 3.71 -10.20
CA THR A 30 -0.02 4.23 -9.91
C THR A 30 1.08 3.34 -10.54
N TYR A 31 2.33 3.86 -10.48
CA TYR A 31 3.55 3.18 -10.98
C TYR A 31 3.87 1.92 -10.16
N ILE A 32 3.43 1.93 -8.86
CA ILE A 32 3.69 0.81 -7.89
C ILE A 32 3.21 -0.54 -8.46
N GLU A 33 2.10 -0.53 -9.25
CA GLU A 33 1.59 -1.77 -9.90
C GLU A 33 2.69 -2.42 -10.72
N SER A 34 3.32 -1.61 -11.60
CA SER A 34 4.42 -2.04 -12.46
C SER A 34 5.54 -2.67 -11.61
N LEU A 35 5.92 -2.01 -10.49
CA LEU A 35 6.98 -2.50 -9.58
C LEU A 35 6.63 -3.89 -9.02
N LEU A 36 5.37 -4.06 -8.63
CA LEU A 36 4.87 -5.28 -7.97
C LEU A 36 4.76 -6.46 -8.95
N LYS A 37 4.38 -6.18 -10.21
CA LYS A 37 4.23 -7.20 -11.26
C LYS A 37 5.61 -7.67 -11.77
N GLU A 38 6.48 -6.69 -12.05
CA GLU A 38 7.85 -6.92 -12.57
C GLU A 38 8.71 -7.66 -11.54
N HIS A 39 8.59 -7.25 -10.26
CA HIS A 39 9.34 -7.87 -9.15
C HIS A 39 8.58 -9.06 -8.53
N LYS A 40 7.37 -9.36 -9.06
CA LYS A 40 6.55 -10.54 -8.67
C LYS A 40 6.17 -10.53 -7.17
N LEU A 41 6.08 -9.32 -6.61
CA LEU A 41 5.71 -9.11 -5.19
C LEU A 41 4.22 -9.45 -4.96
N LEU A 42 3.41 -9.19 -6.01
CA LEU A 42 2.03 -9.69 -6.09
C LEU A 42 2.06 -11.14 -6.63
N ASN A 1 26.95 1.80 7.87
CA ASN A 1 25.95 1.94 6.80
C ASN A 1 24.57 2.24 7.42
N ASP A 2 24.04 1.25 8.17
CA ASP A 2 22.74 1.33 8.91
C ASP A 2 21.58 1.77 7.99
N HIS A 3 21.00 0.80 7.26
CA HIS A 3 19.80 0.99 6.43
C HIS A 3 18.77 -0.08 6.79
N GLN A 4 18.53 -0.21 8.11
CA GLN A 4 17.58 -1.17 8.66
C GLN A 4 16.17 -0.54 8.67
N ASP A 5 15.35 -0.92 7.68
CA ASP A 5 13.94 -0.54 7.62
C ASP A 5 13.18 -1.19 8.77
N LEU A 6 12.31 -0.41 9.44
CA LEU A 6 11.53 -0.90 10.59
C LEU A 6 10.49 -1.92 10.12
N ARG A 7 10.22 -2.88 11.01
CA ARG A 7 9.21 -3.95 10.80
C ARG A 7 7.79 -3.35 10.69
N GLU A 8 6.83 -4.18 10.26
CA GLU A 8 5.42 -3.75 10.14
C GLU A 8 4.88 -3.28 11.50
N ILE A 9 4.28 -2.10 11.52
CA ILE A 9 3.79 -1.48 12.76
C ILE A 9 2.27 -1.61 12.82
N THR A 10 1.80 -2.61 13.57
CA THR A 10 0.38 -2.84 13.74
C THR A 10 -0.10 -2.12 15.01
N LYS A 11 -0.33 -0.80 14.85
CA LYS A 11 -0.88 0.08 15.89
C LYS A 11 -2.32 -0.37 16.23
N ASP A 12 -3.06 -0.79 15.19
CA ASP A 12 -4.43 -1.27 15.29
C ASP A 12 -4.76 -2.13 14.06
N SER A 13 -5.54 -3.19 14.28
CA SER A 13 -5.90 -4.18 13.24
C SER A 13 -6.67 -3.53 12.07
N LYS A 14 -7.66 -2.68 12.41
CA LYS A 14 -8.52 -2.00 11.44
C LYS A 14 -7.72 -0.94 10.65
N MET A 15 -6.85 -0.19 11.35
CA MET A 15 -6.03 0.86 10.71
C MET A 15 -5.08 0.25 9.66
N GLN A 16 -4.46 -0.89 10.01
CA GLN A 16 -3.56 -1.63 9.10
C GLN A 16 -4.34 -2.24 7.93
N LYS A 17 -5.55 -2.74 8.20
CA LYS A 17 -6.39 -3.37 7.18
C LYS A 17 -6.88 -2.33 6.15
N LEU A 18 -7.14 -1.10 6.63
CA LEU A 18 -7.53 0.05 5.77
C LEU A 18 -6.33 0.57 4.98
N ALA A 19 -5.13 0.51 5.60
CA ALA A 19 -3.87 0.90 4.94
C ALA A 19 -3.57 -0.05 3.77
N LEU A 20 -3.74 -1.36 4.02
CA LEU A 20 -3.51 -2.43 3.02
C LEU A 20 -4.58 -2.40 1.91
N ALA A 21 -5.84 -2.16 2.30
CA ALA A 21 -6.97 -2.07 1.35
C ALA A 21 -6.75 -0.90 0.38
N GLY A 22 -6.50 0.29 0.95
CA GLY A 22 -6.23 1.51 0.18
C GLY A 22 -5.01 1.37 -0.72
N PHE A 23 -4.00 0.63 -0.23
CA PHE A 23 -2.82 0.22 -1.01
C PHE A 23 -3.26 -0.62 -2.23
N LEU A 24 -4.07 -1.66 -1.99
CA LEU A 24 -4.48 -2.62 -3.04
C LEU A 24 -5.30 -1.94 -4.16
N LYS A 25 -6.11 -0.94 -3.81
CA LYS A 25 -6.88 -0.16 -4.80
C LYS A 25 -5.95 0.75 -5.62
N LYS A 26 -5.10 1.56 -4.91
CA LYS A 26 -4.28 2.59 -5.57
C LYS A 26 -3.33 1.99 -6.62
N ILE A 27 -2.95 0.68 -6.41
CA ILE A 27 -2.10 -0.10 -7.34
C ILE A 27 -2.53 0.12 -8.81
N LYS A 28 -3.86 0.05 -9.04
CA LYS A 28 -4.44 0.03 -10.39
C LYS A 28 -4.19 1.35 -11.16
N GLY A 29 -3.97 2.44 -10.42
CA GLY A 29 -3.76 3.77 -11.01
C GLY A 29 -2.48 4.41 -10.52
N THR A 30 -1.40 3.63 -10.42
CA THR A 30 -0.06 4.13 -10.03
C THR A 30 1.07 3.22 -10.56
N TYR A 31 2.31 3.72 -10.47
CA TYR A 31 3.54 3.02 -10.88
C TYR A 31 3.82 1.80 -9.99
N ILE A 32 3.31 1.82 -8.73
CA ILE A 32 3.47 0.70 -7.77
C ILE A 32 2.97 -0.63 -8.38
N GLU A 33 1.95 -0.56 -9.29
CA GLU A 33 1.50 -1.72 -10.09
C GLU A 33 2.71 -2.35 -10.81
N SER A 34 3.41 -1.52 -11.63
CA SER A 34 4.63 -1.92 -12.36
C SER A 34 5.65 -2.54 -11.40
N LEU A 35 5.89 -1.88 -10.24
CA LEU A 35 6.88 -2.35 -9.25
C LEU A 35 6.56 -3.79 -8.78
N LEU A 36 5.28 -4.03 -8.46
CA LEU A 36 4.83 -5.32 -7.91
C LEU A 36 4.83 -6.43 -8.99
N LYS A 37 4.62 -6.04 -10.26
CA LYS A 37 4.67 -6.96 -11.42
C LYS A 37 6.12 -7.36 -11.75
N GLU A 38 7.03 -6.36 -11.69
CA GLU A 38 8.47 -6.53 -12.03
C GLU A 38 9.20 -7.28 -10.91
N HIS A 39 8.81 -7.02 -9.65
CA HIS A 39 9.36 -7.70 -8.47
C HIS A 39 8.57 -8.98 -8.16
N LYS A 40 7.50 -9.22 -8.96
CA LYS A 40 6.69 -10.46 -8.93
C LYS A 40 6.04 -10.72 -7.55
N LEU A 41 5.76 -9.63 -6.81
CA LEU A 41 5.15 -9.69 -5.47
C LEU A 41 3.66 -10.01 -5.59
N LEU A 42 3.04 -9.45 -6.63
CA LEU A 42 1.67 -9.83 -7.06
C LEU A 42 1.76 -11.17 -7.82
N ASN A 1 14.90 -2.42 -11.62
CA ASN A 1 14.84 -1.48 -10.49
C ASN A 1 14.95 -2.27 -9.18
N ASP A 2 15.94 -1.92 -8.33
CA ASP A 2 16.18 -2.58 -7.04
C ASP A 2 16.53 -1.52 -5.96
N HIS A 3 15.50 -1.12 -5.20
CA HIS A 3 15.65 -0.32 -3.99
C HIS A 3 14.66 -0.86 -2.96
N GLN A 4 15.19 -1.41 -1.85
CA GLN A 4 14.38 -2.06 -0.80
C GLN A 4 13.33 -1.09 -0.21
N ASP A 5 12.14 -1.62 0.03
CA ASP A 5 11.05 -0.87 0.67
C ASP A 5 11.19 -0.93 2.19
N LEU A 6 10.56 0.01 2.90
CA LEU A 6 10.58 0.05 4.37
C LEU A 6 9.67 -1.06 4.93
N ARG A 7 10.21 -1.82 5.90
CA ARG A 7 9.52 -2.98 6.51
C ARG A 7 8.20 -2.59 7.19
N GLU A 8 7.28 -3.57 7.31
CA GLU A 8 5.90 -3.32 7.75
C GLU A 8 5.84 -2.92 9.23
N ILE A 9 5.17 -1.80 9.49
CA ILE A 9 4.95 -1.25 10.83
C ILE A 9 3.49 -1.45 11.20
N THR A 10 3.22 -2.29 12.19
CA THR A 10 1.85 -2.57 12.66
C THR A 10 1.49 -1.63 13.82
N LYS A 11 0.57 -0.68 13.57
CA LYS A 11 0.06 0.24 14.59
C LYS A 11 -1.25 -0.34 15.17
N ASP A 12 -2.30 -0.31 14.34
CA ASP A 12 -3.65 -0.77 14.72
C ASP A 12 -4.15 -1.72 13.62
N SER A 13 -4.59 -2.93 14.01
CA SER A 13 -4.95 -4.01 13.07
C SER A 13 -6.03 -3.57 12.05
N LYS A 14 -7.11 -2.92 12.54
CA LYS A 14 -8.20 -2.43 11.68
C LYS A 14 -7.68 -1.40 10.68
N MET A 15 -6.82 -0.49 11.16
CA MET A 15 -6.19 0.55 10.31
C MET A 15 -5.25 -0.09 9.27
N GLN A 16 -4.62 -1.22 9.63
CA GLN A 16 -3.71 -1.95 8.72
C GLN A 16 -4.51 -2.64 7.60
N LYS A 17 -5.68 -3.17 7.93
CA LYS A 17 -6.59 -3.79 6.95
C LYS A 17 -7.09 -2.74 5.95
N LEU A 18 -7.51 -1.58 6.47
CA LEU A 18 -8.03 -0.47 5.65
C LEU A 18 -6.92 0.19 4.81
N ALA A 19 -5.71 0.30 5.40
CA ALA A 19 -4.54 0.93 4.74
C ALA A 19 -4.06 0.07 3.57
N LEU A 20 -3.90 -1.24 3.84
CA LEU A 20 -3.44 -2.22 2.84
C LEU A 20 -4.49 -2.45 1.74
N ALA A 21 -5.78 -2.38 2.10
CA ALA A 21 -6.87 -2.47 1.12
C ALA A 21 -6.86 -1.28 0.15
N GLY A 22 -6.74 -0.06 0.72
CA GLY A 22 -6.64 1.18 -0.06
C GLY A 22 -5.34 1.23 -0.87
N PHE A 23 -4.30 0.57 -0.35
CA PHE A 23 -3.04 0.35 -1.07
C PHE A 23 -3.30 -0.54 -2.29
N LEU A 24 -3.97 -1.69 -2.07
CA LEU A 24 -4.24 -2.70 -3.11
C LEU A 24 -5.13 -2.14 -4.24
N LYS A 25 -5.94 -1.12 -3.91
CA LYS A 25 -6.75 -0.39 -4.89
C LYS A 25 -5.94 0.65 -5.69
N LYS A 26 -5.16 1.49 -4.96
CA LYS A 26 -4.42 2.64 -5.59
C LYS A 26 -3.42 2.13 -6.65
N ILE A 27 -2.99 0.86 -6.48
CA ILE A 27 -2.07 0.14 -7.40
C ILE A 27 -2.49 0.33 -8.87
N LYS A 28 -3.80 0.21 -9.12
CA LYS A 28 -4.36 0.17 -10.48
C LYS A 28 -4.30 1.55 -11.19
N GLY A 29 -3.92 2.61 -10.43
CA GLY A 29 -3.71 3.95 -10.97
C GLY A 29 -2.44 4.61 -10.44
N THR A 30 -1.37 3.81 -10.23
CA THR A 30 -0.06 4.33 -9.82
C THR A 30 1.09 3.44 -10.39
N TYR A 31 2.33 3.99 -10.32
CA TYR A 31 3.55 3.31 -10.80
C TYR A 31 3.88 2.07 -9.94
N ILE A 32 3.44 2.10 -8.67
CA ILE A 32 3.69 1.01 -7.68
C ILE A 32 3.28 -0.36 -8.23
N GLU A 33 2.24 -0.36 -9.11
CA GLU A 33 1.81 -1.58 -9.83
C GLU A 33 2.99 -2.26 -10.51
N SER A 34 3.72 -1.47 -11.31
CA SER A 34 4.89 -1.93 -12.08
C SER A 34 5.95 -2.53 -11.16
N LEU A 35 6.20 -1.88 -10.00
CA LEU A 35 7.17 -2.38 -8.99
C LEU A 35 6.75 -3.78 -8.50
N LEU A 36 5.47 -3.90 -8.16
CA LEU A 36 4.90 -5.12 -7.57
C LEU A 36 4.81 -6.28 -8.59
N LYS A 37 4.62 -5.93 -9.87
CA LYS A 37 4.57 -6.92 -10.97
C LYS A 37 5.98 -7.42 -11.35
N GLU A 38 6.95 -6.48 -11.34
CA GLU A 38 8.37 -6.76 -11.65
C GLU A 38 9.03 -7.57 -10.52
N HIS A 39 8.57 -7.34 -9.29
CA HIS A 39 9.06 -8.05 -8.09
C HIS A 39 8.10 -9.21 -7.70
N LYS A 40 7.02 -9.38 -8.49
CA LYS A 40 6.05 -10.50 -8.38
C LYS A 40 5.38 -10.61 -6.99
N LEU A 41 5.24 -9.46 -6.32
CA LEU A 41 4.58 -9.37 -5.00
C LEU A 41 3.06 -9.56 -5.13
N LEU A 42 2.50 -9.00 -6.23
CA LEU A 42 1.09 -9.23 -6.60
C LEU A 42 0.93 -10.58 -7.36
N ASN A 1 18.49 10.27 -5.74
CA ASN A 1 17.22 9.50 -5.88
C ASN A 1 16.36 9.70 -4.63
N ASP A 2 15.05 9.95 -4.83
CA ASP A 2 14.07 10.10 -3.74
C ASP A 2 13.87 8.75 -3.02
N HIS A 3 14.50 8.61 -1.85
CA HIS A 3 14.38 7.40 -1.01
C HIS A 3 13.04 7.40 -0.26
N GLN A 4 12.41 6.22 -0.18
CA GLN A 4 11.15 6.02 0.56
C GLN A 4 11.23 4.70 1.34
N ASP A 5 10.71 4.70 2.58
CA ASP A 5 10.63 3.50 3.44
C ASP A 5 9.16 3.08 3.63
N LEU A 6 8.95 1.91 4.24
CA LEU A 6 7.62 1.40 4.58
C LEU A 6 7.24 1.80 6.01
N ARG A 7 5.94 1.69 6.29
CA ARG A 7 5.38 2.02 7.62
C ARG A 7 5.52 0.82 8.56
N GLU A 8 5.88 1.08 9.82
CA GLU A 8 5.98 0.05 10.88
C GLU A 8 4.59 -0.53 11.17
N ILE A 9 4.56 -1.84 11.49
CA ILE A 9 3.31 -2.55 11.80
C ILE A 9 2.65 -1.96 13.06
N THR A 10 1.48 -1.37 12.88
CA THR A 10 0.65 -0.88 13.98
C THR A 10 -0.18 -2.05 14.55
N LYS A 11 -0.31 -2.10 15.89
CA LYS A 11 -1.14 -3.12 16.58
C LYS A 11 -2.63 -2.97 16.24
N ASP A 12 -3.02 -1.76 15.78
CA ASP A 12 -4.40 -1.43 15.43
C ASP A 12 -4.75 -2.05 14.06
N SER A 13 -5.41 -3.22 14.14
CA SER A 13 -5.77 -4.03 12.97
C SER A 13 -6.68 -3.27 11.98
N LYS A 14 -7.49 -2.32 12.48
CA LYS A 14 -8.39 -1.51 11.65
C LYS A 14 -7.60 -0.58 10.73
N MET A 15 -6.73 0.26 11.32
CA MET A 15 -5.93 1.25 10.57
C MET A 15 -5.00 0.55 9.56
N GLN A 16 -4.47 -0.63 9.96
CA GLN A 16 -3.63 -1.46 9.08
C GLN A 16 -4.43 -2.05 7.91
N LYS A 17 -5.64 -2.54 8.20
CA LYS A 17 -6.50 -3.20 7.20
C LYS A 17 -6.94 -2.19 6.12
N LEU A 18 -7.28 -0.97 6.58
CA LEU A 18 -7.78 0.12 5.72
C LEU A 18 -6.62 0.77 4.94
N ALA A 19 -5.41 0.79 5.54
CA ALA A 19 -4.19 1.29 4.89
C ALA A 19 -3.79 0.36 3.73
N LEU A 20 -3.78 -0.95 4.00
CA LEU A 20 -3.43 -1.99 3.01
C LEU A 20 -4.49 -2.07 1.92
N ALA A 21 -5.77 -1.90 2.30
CA ALA A 21 -6.90 -1.89 1.36
C ALA A 21 -6.74 -0.75 0.35
N GLY A 22 -6.54 0.47 0.88
CA GLY A 22 -6.35 1.67 0.06
C GLY A 22 -5.13 1.56 -0.86
N PHE A 23 -4.07 0.92 -0.34
CA PHE A 23 -2.86 0.58 -1.11
C PHE A 23 -3.23 -0.36 -2.27
N LEU A 24 -4.00 -1.42 -1.99
CA LEU A 24 -4.34 -2.46 -2.98
C LEU A 24 -5.23 -1.92 -4.11
N LYS A 25 -6.07 -0.91 -3.81
CA LYS A 25 -6.84 -0.22 -4.85
C LYS A 25 -5.93 0.67 -5.71
N LYS A 26 -5.12 1.55 -5.03
CA LYS A 26 -4.33 2.60 -5.72
C LYS A 26 -3.37 2.00 -6.75
N ILE A 27 -2.94 0.72 -6.50
CA ILE A 27 -2.06 -0.07 -7.41
C ILE A 27 -2.49 0.09 -8.88
N LYS A 28 -3.80 -0.08 -9.11
CA LYS A 28 -4.37 -0.15 -10.46
C LYS A 28 -4.22 1.19 -11.23
N GLY A 29 -4.10 2.29 -10.48
CA GLY A 29 -3.98 3.63 -11.07
C GLY A 29 -2.59 4.26 -10.91
N THR A 30 -1.63 3.55 -10.28
CA THR A 30 -0.27 4.09 -10.01
C THR A 30 0.83 3.19 -10.61
N TYR A 31 2.05 3.77 -10.71
CA TYR A 31 3.26 3.12 -11.24
C TYR A 31 3.66 1.87 -10.42
N ILE A 32 3.30 1.90 -9.11
CA ILE A 32 3.63 0.81 -8.14
C ILE A 32 3.15 -0.56 -8.66
N GLU A 33 2.06 -0.56 -9.47
CA GLU A 33 1.56 -1.77 -10.15
C GLU A 33 2.69 -2.48 -10.91
N SER A 34 3.36 -1.73 -11.79
CA SER A 34 4.47 -2.26 -12.61
C SER A 34 5.59 -2.79 -11.71
N LEU A 35 5.91 -2.05 -10.62
CA LEU A 35 6.95 -2.47 -9.66
C LEU A 35 6.60 -3.86 -9.06
N LEU A 36 5.34 -4.03 -8.67
CA LEU A 36 4.86 -5.24 -7.97
C LEU A 36 4.81 -6.46 -8.92
N LYS A 37 4.50 -6.22 -10.19
CA LYS A 37 4.47 -7.26 -11.23
C LYS A 37 5.89 -7.71 -11.63
N GLU A 38 6.77 -6.72 -11.87
CA GLU A 38 8.17 -6.95 -12.32
C GLU A 38 9.01 -7.60 -11.21
N HIS A 39 8.88 -7.06 -9.98
CA HIS A 39 9.57 -7.58 -8.78
C HIS A 39 8.82 -8.79 -8.18
N LYS A 40 7.67 -9.15 -8.81
CA LYS A 40 6.88 -10.36 -8.47
C LYS A 40 6.35 -10.37 -7.03
N LEU A 41 6.14 -9.17 -6.47
CA LEU A 41 5.69 -8.99 -5.07
C LEU A 41 4.22 -9.38 -4.89
N LEU A 42 3.44 -9.20 -5.96
CA LEU A 42 2.05 -9.70 -6.04
C LEU A 42 2.04 -11.20 -6.46
N ASN A 1 -15.80 18.25 19.38
CA ASN A 1 -14.45 18.79 19.60
C ASN A 1 -13.43 18.07 18.69
N ASP A 2 -13.49 18.39 17.39
CA ASP A 2 -12.59 17.82 16.37
C ASP A 2 -11.30 18.65 16.27
N HIS A 3 -10.16 17.96 16.16
CA HIS A 3 -8.83 18.58 16.03
C HIS A 3 -8.06 17.90 14.90
N GLN A 4 -7.30 18.69 14.11
CA GLN A 4 -6.39 18.16 13.09
C GLN A 4 -5.14 17.58 13.80
N ASP A 5 -5.25 16.33 14.25
CA ASP A 5 -4.12 15.60 14.84
C ASP A 5 -3.51 14.69 13.75
N LEU A 6 -2.18 14.54 13.79
CA LEU A 6 -1.43 13.86 12.72
C LEU A 6 -1.67 12.34 12.72
N ARG A 7 -1.23 11.72 11.63
CA ARG A 7 -1.34 10.27 11.42
C ARG A 7 0.02 9.62 11.68
N GLU A 8 0.17 8.97 12.84
CA GLU A 8 1.33 8.13 13.18
C GLU A 8 1.09 6.71 12.65
N ILE A 9 2.14 5.85 12.67
CA ILE A 9 1.98 4.44 12.29
C ILE A 9 1.18 3.72 13.37
N THR A 10 -0.13 3.57 13.13
CA THR A 10 -1.05 2.95 14.06
C THR A 10 -1.23 1.46 13.69
N LYS A 11 -0.63 0.57 14.51
CA LYS A 11 -0.60 -0.89 14.25
C LYS A 11 -1.92 -1.59 14.70
N ASP A 12 -2.95 -0.77 14.99
CA ASP A 12 -4.34 -1.22 15.18
C ASP A 12 -4.83 -2.01 13.95
N SER A 13 -5.45 -3.18 14.21
CA SER A 13 -5.83 -4.16 13.16
C SER A 13 -6.75 -3.53 12.09
N LYS A 14 -7.68 -2.65 12.52
CA LYS A 14 -8.62 -1.98 11.61
C LYS A 14 -7.86 -0.98 10.70
N MET A 15 -7.01 -0.16 11.35
CA MET A 15 -6.23 0.90 10.66
C MET A 15 -5.25 0.31 9.64
N GLN A 16 -4.63 -0.82 10.01
CA GLN A 16 -3.68 -1.54 9.16
C GLN A 16 -4.38 -2.26 8.00
N LYS A 17 -5.58 -2.80 8.26
CA LYS A 17 -6.38 -3.45 7.22
C LYS A 17 -6.82 -2.39 6.16
N LEU A 18 -7.22 -1.20 6.64
CA LEU A 18 -7.65 -0.10 5.76
C LEU A 18 -6.44 0.52 5.03
N ALA A 19 -5.26 0.46 5.67
CA ALA A 19 -4.00 0.88 5.04
C ALA A 19 -3.65 -0.06 3.87
N LEU A 20 -3.74 -1.38 4.12
CA LEU A 20 -3.47 -2.41 3.10
C LEU A 20 -4.51 -2.39 1.99
N ALA A 21 -5.79 -2.16 2.36
CA ALA A 21 -6.90 -2.13 1.41
C ALA A 21 -6.73 -0.97 0.44
N GLY A 22 -6.55 0.25 1.00
CA GLY A 22 -6.37 1.45 0.20
C GLY A 22 -5.11 1.41 -0.65
N PHE A 23 -4.07 0.71 -0.15
CA PHE A 23 -2.88 0.38 -0.95
C PHE A 23 -3.27 -0.52 -2.13
N LEU A 24 -3.98 -1.63 -1.85
CA LEU A 24 -4.36 -2.64 -2.88
C LEU A 24 -5.19 -2.02 -4.02
N LYS A 25 -5.99 -1.00 -3.69
CA LYS A 25 -6.77 -0.24 -4.68
C LYS A 25 -5.87 0.72 -5.49
N LYS A 26 -5.07 1.59 -4.79
CA LYS A 26 -4.27 2.64 -5.45
C LYS A 26 -3.31 2.05 -6.49
N ILE A 27 -2.89 0.77 -6.26
CA ILE A 27 -2.02 -0.01 -7.17
C ILE A 27 -2.41 0.19 -8.64
N LYS A 28 -3.73 0.05 -8.90
CA LYS A 28 -4.28 0.06 -10.26
C LYS A 28 -4.00 1.39 -10.98
N GLY A 29 -3.99 2.49 -10.23
CA GLY A 29 -3.83 3.84 -10.80
C GLY A 29 -2.48 4.48 -10.52
N THR A 30 -1.46 3.66 -10.18
CA THR A 30 -0.10 4.16 -9.90
C THR A 30 0.97 3.23 -10.50
N TYR A 31 2.20 3.76 -10.61
CA TYR A 31 3.39 3.05 -11.13
C TYR A 31 3.75 1.81 -10.28
N ILE A 32 3.36 1.87 -8.98
CA ILE A 32 3.63 0.79 -8.01
C ILE A 32 3.12 -0.57 -8.52
N GLU A 33 2.05 -0.58 -9.35
CA GLU A 33 1.55 -1.81 -10.00
C GLU A 33 2.68 -2.50 -10.77
N SER A 34 3.36 -1.72 -11.63
CA SER A 34 4.49 -2.20 -12.44
C SER A 34 5.60 -2.72 -11.54
N LEU A 35 5.90 -1.99 -10.45
CA LEU A 35 6.95 -2.41 -9.47
C LEU A 35 6.66 -3.81 -8.92
N LEU A 36 5.39 -4.01 -8.52
CA LEU A 36 4.94 -5.26 -7.89
C LEU A 36 4.91 -6.42 -8.90
N LYS A 37 4.64 -6.10 -10.18
CA LYS A 37 4.64 -7.08 -11.28
C LYS A 37 6.08 -7.52 -11.63
N GLU A 38 7.00 -6.55 -11.64
CA GLU A 38 8.41 -6.75 -12.03
C GLU A 38 9.22 -7.38 -10.88
N HIS A 39 8.76 -7.16 -9.64
CA HIS A 39 9.39 -7.76 -8.43
C HIS A 39 8.63 -9.03 -7.98
N LYS A 40 7.61 -9.43 -8.77
CA LYS A 40 6.83 -10.70 -8.58
C LYS A 40 6.07 -10.73 -7.22
N LEU A 41 5.78 -9.54 -6.69
CA LEU A 41 5.06 -9.37 -5.42
C LEU A 41 3.54 -9.57 -5.63
N LEU A 42 3.01 -9.00 -6.72
CA LEU A 42 1.64 -9.30 -7.19
C LEU A 42 1.67 -10.64 -7.97
N ASN A 1 17.63 5.52 11.82
CA ASN A 1 18.41 5.92 10.62
C ASN A 1 17.62 5.59 9.35
N ASP A 2 17.95 6.29 8.25
CA ASP A 2 17.19 6.24 6.99
C ASP A 2 17.55 4.98 6.16
N HIS A 3 16.87 3.87 6.49
CA HIS A 3 16.96 2.57 5.79
C HIS A 3 15.63 1.81 5.98
N GLN A 4 15.58 0.58 5.43
CA GLN A 4 14.42 -0.33 5.60
C GLN A 4 14.33 -0.81 7.05
N ASP A 5 13.34 -0.26 7.77
CA ASP A 5 13.01 -0.66 9.15
C ASP A 5 12.21 -1.97 9.14
N LEU A 6 12.05 -2.58 10.33
CA LEU A 6 11.32 -3.87 10.49
C LEU A 6 9.80 -3.67 10.32
N ARG A 7 9.03 -4.71 10.68
CA ARG A 7 7.57 -4.69 10.67
C ARG A 7 7.03 -3.48 11.47
N GLU A 8 5.98 -2.86 10.93
CA GLU A 8 5.38 -1.64 11.50
C GLU A 8 4.79 -1.93 12.89
N ILE A 9 4.90 -0.95 13.82
CA ILE A 9 4.34 -1.04 15.18
C ILE A 9 2.82 -1.26 15.09
N THR A 10 2.29 -2.08 16.01
CA THR A 10 0.90 -2.51 16.00
C THR A 10 0.02 -1.49 16.75
N LYS A 11 -0.53 -0.50 16.00
CA LYS A 11 -1.51 0.46 16.53
C LYS A 11 -2.86 -0.24 16.67
N ASP A 12 -3.36 -0.78 15.54
CA ASP A 12 -4.66 -1.41 15.46
C ASP A 12 -4.79 -2.21 14.14
N SER A 13 -5.46 -3.38 14.21
CA SER A 13 -5.62 -4.31 13.06
C SER A 13 -6.43 -3.66 11.93
N LYS A 14 -7.51 -2.93 12.27
CA LYS A 14 -8.36 -2.23 11.28
C LYS A 14 -7.55 -1.17 10.53
N MET A 15 -6.64 -0.48 11.24
CA MET A 15 -5.74 0.52 10.63
C MET A 15 -4.77 -0.14 9.63
N GLN A 16 -4.29 -1.35 9.99
CA GLN A 16 -3.46 -2.16 9.08
C GLN A 16 -4.25 -2.58 7.82
N LYS A 17 -5.53 -2.97 8.03
CA LYS A 17 -6.44 -3.42 6.94
C LYS A 17 -6.79 -2.27 5.99
N LEU A 18 -6.98 -1.05 6.54
CA LEU A 18 -7.30 0.15 5.74
C LEU A 18 -6.09 0.61 4.93
N ALA A 19 -4.89 0.50 5.55
CA ALA A 19 -3.61 0.83 4.91
C ALA A 19 -3.37 -0.10 3.70
N LEU A 20 -3.55 -1.42 3.93
CA LEU A 20 -3.31 -2.47 2.92
C LEU A 20 -4.38 -2.45 1.81
N ALA A 21 -5.64 -2.18 2.20
CA ALA A 21 -6.77 -2.09 1.24
C ALA A 21 -6.57 -0.91 0.28
N GLY A 22 -6.33 0.28 0.86
CA GLY A 22 -6.08 1.50 0.07
C GLY A 22 -4.85 1.35 -0.82
N PHE A 23 -3.83 0.63 -0.31
CA PHE A 23 -2.66 0.22 -1.09
C PHE A 23 -3.10 -0.63 -2.30
N LEU A 24 -3.93 -1.66 -2.07
CA LEU A 24 -4.38 -2.61 -3.14
C LEU A 24 -5.22 -1.93 -4.24
N LYS A 25 -6.01 -0.90 -3.87
CA LYS A 25 -6.79 -0.12 -4.82
C LYS A 25 -5.90 0.78 -5.70
N LYS A 26 -5.06 1.61 -5.02
CA LYS A 26 -4.25 2.65 -5.70
C LYS A 26 -3.35 2.06 -6.79
N ILE A 27 -2.97 0.76 -6.62
CA ILE A 27 -2.14 -0.02 -7.56
C ILE A 27 -2.60 0.19 -9.01
N LYS A 28 -3.92 0.04 -9.24
CA LYS A 28 -4.51 0.05 -10.60
C LYS A 28 -4.29 1.40 -11.33
N GLY A 29 -4.08 2.48 -10.55
CA GLY A 29 -3.86 3.82 -11.11
C GLY A 29 -2.56 4.45 -10.64
N THR A 30 -1.46 3.65 -10.56
CA THR A 30 -0.13 4.16 -10.18
C THR A 30 1.00 3.30 -10.80
N TYR A 31 2.23 3.82 -10.69
CA TYR A 31 3.47 3.17 -11.14
C TYR A 31 3.80 1.93 -10.26
N ILE A 32 3.33 1.97 -8.98
CA ILE A 32 3.54 0.88 -8.01
C ILE A 32 3.03 -0.47 -8.58
N GLU A 33 1.98 -0.40 -9.45
CA GLU A 33 1.47 -1.59 -10.19
C GLU A 33 2.62 -2.32 -10.89
N SER A 34 3.37 -1.56 -11.71
CA SER A 34 4.53 -2.06 -12.44
C SER A 34 5.56 -2.66 -11.48
N LEU A 35 5.88 -1.93 -10.37
CA LEU A 35 6.86 -2.38 -9.37
C LEU A 35 6.50 -3.77 -8.79
N LEU A 36 5.24 -3.94 -8.43
CA LEU A 36 4.75 -5.17 -7.77
C LEU A 36 4.72 -6.36 -8.74
N LYS A 37 4.43 -6.06 -10.03
CA LYS A 37 4.45 -7.07 -11.11
C LYS A 37 5.90 -7.47 -11.48
N GLU A 38 6.81 -6.48 -11.48
CA GLU A 38 8.23 -6.67 -11.86
C GLU A 38 8.99 -7.44 -10.77
N HIS A 39 8.64 -7.15 -9.50
CA HIS A 39 9.26 -7.78 -8.31
C HIS A 39 8.50 -9.06 -7.93
N LYS A 40 7.38 -9.36 -8.65
CA LYS A 40 6.53 -10.57 -8.46
C LYS A 40 5.86 -10.62 -7.07
N LEU A 41 5.67 -9.43 -6.48
CA LEU A 41 5.01 -9.26 -5.17
C LEU A 41 3.51 -9.57 -5.28
N LEU A 42 2.87 -8.99 -6.31
CA LEU A 42 1.50 -9.35 -6.71
C LEU A 42 1.54 -10.71 -7.47
N ASN A 1 1.04 16.11 -5.14
CA ASN A 1 1.17 15.44 -3.84
C ASN A 1 2.50 14.64 -3.76
N ASP A 2 3.50 15.05 -4.56
CA ASP A 2 4.85 14.40 -4.58
C ASP A 2 5.61 14.68 -3.27
N HIS A 3 6.71 13.90 -3.05
CA HIS A 3 7.51 13.92 -1.80
C HIS A 3 6.64 13.44 -0.63
N GLN A 4 5.95 12.31 -0.86
CA GLN A 4 4.95 11.72 0.04
C GLN A 4 5.56 11.31 1.38
N ASP A 5 4.96 11.77 2.49
CA ASP A 5 5.43 11.46 3.85
C ASP A 5 5.25 9.96 4.14
N LEU A 6 6.20 9.40 4.88
CA LEU A 6 6.27 7.96 5.16
C LEU A 6 5.28 7.56 6.25
N ARG A 7 4.43 6.56 5.90
CA ARG A 7 3.52 5.90 6.84
C ARG A 7 4.33 5.14 7.91
N GLU A 8 3.86 5.18 9.16
CA GLU A 8 4.61 4.66 10.32
C GLU A 8 4.04 3.29 10.78
N ILE A 9 4.45 2.84 11.99
CA ILE A 9 4.08 1.50 12.52
C ILE A 9 2.55 1.39 12.72
N THR A 10 1.90 0.67 11.81
CA THR A 10 0.46 0.44 11.84
C THR A 10 0.19 -0.87 12.61
N LYS A 11 0.00 -0.72 13.93
CA LYS A 11 -0.18 -1.84 14.88
C LYS A 11 -1.66 -2.26 14.98
N ASP A 12 -2.58 -1.27 14.84
CA ASP A 12 -4.03 -1.49 14.99
C ASP A 12 -4.57 -2.19 13.73
N SER A 13 -5.32 -3.31 13.95
CA SER A 13 -5.81 -4.20 12.89
C SER A 13 -6.72 -3.48 11.88
N LYS A 14 -7.60 -2.59 12.38
CA LYS A 14 -8.54 -1.84 11.53
C LYS A 14 -7.81 -0.80 10.68
N MET A 15 -6.78 -0.15 11.27
CA MET A 15 -5.93 0.81 10.55
C MET A 15 -5.09 0.09 9.48
N GLN A 16 -4.74 -1.19 9.75
CA GLN A 16 -4.05 -2.08 8.78
C GLN A 16 -5.00 -2.47 7.64
N LYS A 17 -6.30 -2.64 7.97
CA LYS A 17 -7.35 -2.91 6.97
C LYS A 17 -7.50 -1.73 6.01
N LEU A 18 -7.46 -0.51 6.57
CA LEU A 18 -7.60 0.75 5.81
C LEU A 18 -6.32 1.03 4.98
N ALA A 19 -5.15 0.71 5.57
CA ALA A 19 -3.83 0.92 4.94
C ALA A 19 -3.62 -0.04 3.76
N LEU A 20 -3.88 -1.34 4.01
CA LEU A 20 -3.71 -2.42 3.01
C LEU A 20 -4.77 -2.32 1.92
N ALA A 21 -6.03 -1.98 2.27
CA ALA A 21 -7.10 -1.80 1.27
C ALA A 21 -6.76 -0.61 0.35
N GLY A 22 -6.42 0.55 0.97
CA GLY A 22 -6.07 1.77 0.24
C GLY A 22 -4.87 1.59 -0.67
N PHE A 23 -3.88 0.78 -0.19
CA PHE A 23 -2.70 0.39 -0.96
C PHE A 23 -3.13 -0.49 -2.15
N LEU A 24 -3.83 -1.59 -1.88
CA LEU A 24 -4.21 -2.60 -2.90
C LEU A 24 -5.13 -2.00 -3.99
N LYS A 25 -5.86 -0.94 -3.64
CA LYS A 25 -6.70 -0.19 -4.61
C LYS A 25 -5.83 0.74 -5.47
N LYS A 26 -4.97 1.56 -4.81
CA LYS A 26 -4.17 2.60 -5.47
C LYS A 26 -3.22 1.99 -6.52
N ILE A 27 -2.82 0.70 -6.29
CA ILE A 27 -1.98 -0.11 -7.21
C ILE A 27 -2.48 0.00 -8.66
N LYS A 28 -3.80 -0.18 -8.83
CA LYS A 28 -4.43 -0.28 -10.16
C LYS A 28 -4.45 1.10 -10.89
N GLY A 29 -4.15 2.17 -10.13
CA GLY A 29 -4.10 3.54 -10.67
C GLY A 29 -2.78 4.24 -10.38
N THR A 30 -1.65 3.47 -10.37
CA THR A 30 -0.31 4.05 -10.13
C THR A 30 0.82 3.13 -10.70
N TYR A 31 2.04 3.70 -10.74
CA TYR A 31 3.26 3.03 -11.22
C TYR A 31 3.66 1.86 -10.32
N ILE A 32 3.26 1.94 -9.01
CA ILE A 32 3.57 0.90 -7.99
C ILE A 32 3.13 -0.50 -8.49
N GLU A 33 2.03 -0.56 -9.29
CA GLU A 33 1.57 -1.83 -9.91
C GLU A 33 2.70 -2.49 -10.69
N SER A 34 3.36 -1.68 -11.55
CA SER A 34 4.51 -2.14 -12.35
C SER A 34 5.61 -2.67 -11.43
N LEU A 35 5.96 -1.92 -10.36
CA LEU A 35 7.02 -2.32 -9.38
C LEU A 35 6.72 -3.73 -8.81
N LEU A 36 5.45 -3.94 -8.48
CA LEU A 36 4.96 -5.16 -7.81
C LEU A 36 4.89 -6.35 -8.79
N LYS A 37 4.62 -6.09 -10.08
CA LYS A 37 4.62 -7.12 -11.15
C LYS A 37 6.05 -7.53 -11.55
N GLU A 38 6.94 -6.52 -11.68
CA GLU A 38 8.34 -6.71 -12.13
C GLU A 38 9.13 -7.48 -11.06
N HIS A 39 8.87 -7.15 -9.78
CA HIS A 39 9.48 -7.82 -8.61
C HIS A 39 8.61 -9.01 -8.12
N LYS A 40 7.43 -9.20 -8.78
CA LYS A 40 6.49 -10.33 -8.53
C LYS A 40 6.05 -10.43 -7.04
N LEU A 41 5.93 -9.24 -6.40
CA LEU A 41 5.45 -9.10 -5.01
C LEU A 41 3.95 -9.41 -4.95
N LEU A 42 3.23 -9.03 -6.03
CA LEU A 42 1.84 -9.48 -6.26
C LEU A 42 1.89 -10.89 -6.90
N ASN A 1 -12.30 7.27 1.86
CA ASN A 1 -11.65 8.57 1.55
C ASN A 1 -10.76 8.42 0.31
N ASP A 2 -11.10 9.19 -0.75
CA ASP A 2 -10.35 9.21 -2.03
C ASP A 2 -8.92 9.77 -1.84
N HIS A 3 -8.77 10.71 -0.90
CA HIS A 3 -7.48 11.28 -0.50
C HIS A 3 -6.71 10.24 0.33
N GLN A 4 -5.73 9.60 -0.33
CA GLN A 4 -4.86 8.59 0.30
C GLN A 4 -3.94 9.23 1.38
N ASP A 5 -3.69 8.50 2.47
CA ASP A 5 -2.78 8.95 3.54
C ASP A 5 -1.36 8.38 3.25
N LEU A 6 -0.40 8.65 4.16
CA LEU A 6 0.98 8.16 4.03
C LEU A 6 1.09 6.70 4.52
N ARG A 7 2.32 6.18 4.51
CA ARG A 7 2.65 4.83 4.99
C ARG A 7 3.51 4.94 6.26
N GLU A 8 2.83 4.98 7.41
CA GLU A 8 3.47 5.07 8.74
C GLU A 8 3.44 3.70 9.44
N ILE A 9 4.07 3.62 10.61
CA ILE A 9 4.01 2.42 11.47
C ILE A 9 2.71 2.49 12.31
N THR A 10 1.96 1.38 12.32
CA THR A 10 0.65 1.26 12.99
C THR A 10 0.49 -0.20 13.50
N LYS A 11 0.14 -0.38 14.79
CA LYS A 11 -0.11 -1.74 15.35
C LYS A 11 -1.61 -2.09 15.28
N ASP A 12 -2.47 -1.06 15.12
CA ASP A 12 -3.94 -1.21 15.09
C ASP A 12 -4.38 -1.99 13.82
N SER A 13 -5.12 -3.09 14.05
CA SER A 13 -5.51 -4.05 13.00
C SER A 13 -6.42 -3.41 11.94
N LYS A 14 -7.41 -2.59 12.40
CA LYS A 14 -8.36 -1.91 11.48
C LYS A 14 -7.61 -1.01 10.49
N MET A 15 -6.81 -0.09 11.03
CA MET A 15 -6.13 0.94 10.22
C MET A 15 -5.06 0.32 9.30
N GLN A 16 -4.41 -0.78 9.75
CA GLN A 16 -3.46 -1.52 8.90
C GLN A 16 -4.16 -2.16 7.69
N LYS A 17 -5.22 -2.93 7.93
CA LYS A 17 -5.92 -3.69 6.86
C LYS A 17 -6.69 -2.75 5.90
N LEU A 18 -7.13 -1.59 6.43
CA LEU A 18 -7.77 -0.53 5.61
C LEU A 18 -6.71 0.28 4.83
N ALA A 19 -5.49 0.38 5.39
CA ALA A 19 -4.32 0.97 4.68
C ALA A 19 -3.88 0.04 3.54
N LEU A 20 -3.96 -1.27 3.80
CA LEU A 20 -3.62 -2.32 2.83
C LEU A 20 -4.68 -2.41 1.75
N ALA A 21 -5.95 -2.23 2.12
CA ALA A 21 -7.08 -2.21 1.18
C ALA A 21 -6.94 -1.02 0.22
N GLY A 22 -6.76 0.18 0.80
CA GLY A 22 -6.55 1.42 0.03
C GLY A 22 -5.32 1.35 -0.85
N PHE A 23 -4.28 0.64 -0.36
CA PHE A 23 -3.08 0.31 -1.12
C PHE A 23 -3.44 -0.56 -2.32
N LEU A 24 -4.18 -1.67 -2.08
CA LEU A 24 -4.52 -2.66 -3.12
C LEU A 24 -5.36 -2.05 -4.26
N LYS A 25 -6.16 -1.02 -3.94
CA LYS A 25 -6.91 -0.25 -4.97
C LYS A 25 -5.95 0.68 -5.76
N LYS A 26 -5.22 1.56 -5.02
CA LYS A 26 -4.41 2.65 -5.65
C LYS A 26 -3.38 2.10 -6.67
N ILE A 27 -2.98 0.81 -6.47
CA ILE A 27 -2.06 0.06 -7.37
C ILE A 27 -2.42 0.27 -8.85
N LYS A 28 -3.72 0.09 -9.18
CA LYS A 28 -4.22 0.09 -10.58
C LYS A 28 -4.07 1.49 -11.22
N GLY A 29 -3.99 2.55 -10.38
CA GLY A 29 -3.85 3.92 -10.84
C GLY A 29 -2.50 4.55 -10.54
N THR A 30 -1.47 3.73 -10.23
CA THR A 30 -0.12 4.24 -9.90
C THR A 30 0.99 3.35 -10.49
N TYR A 31 2.19 3.92 -10.57
CA TYR A 31 3.42 3.27 -11.06
C TYR A 31 3.82 2.05 -10.20
N ILE A 32 3.41 2.09 -8.90
CA ILE A 32 3.70 1.00 -7.92
C ILE A 32 3.26 -0.37 -8.47
N GLU A 33 2.20 -0.36 -9.33
CA GLU A 33 1.72 -1.57 -10.04
C GLU A 33 2.88 -2.26 -10.77
N SER A 34 3.62 -1.49 -11.59
CA SER A 34 4.80 -1.96 -12.32
C SER A 34 5.78 -2.64 -11.36
N LEU A 35 6.12 -1.93 -10.25
CA LEU A 35 7.09 -2.42 -9.25
C LEU A 35 6.67 -3.79 -8.68
N LEU A 36 5.38 -3.91 -8.37
CA LEU A 36 4.81 -5.11 -7.73
C LEU A 36 4.72 -6.31 -8.69
N LYS A 37 4.52 -6.01 -9.99
CA LYS A 37 4.50 -7.03 -11.06
C LYS A 37 5.91 -7.54 -11.42
N GLU A 38 6.88 -6.60 -11.55
CA GLU A 38 8.28 -6.91 -11.94
C GLU A 38 8.97 -7.71 -10.82
N HIS A 39 8.71 -7.29 -9.57
CA HIS A 39 9.24 -7.95 -8.36
C HIS A 39 8.33 -9.13 -7.92
N LYS A 40 7.15 -9.26 -8.58
CA LYS A 40 6.16 -10.36 -8.36
C LYS A 40 5.65 -10.43 -6.90
N LEU A 41 5.57 -9.25 -6.25
CA LEU A 41 5.15 -9.12 -4.83
C LEU A 41 3.65 -9.41 -4.64
N LEU A 42 2.86 -9.05 -5.66
CA LEU A 42 1.42 -9.38 -5.71
C LEU A 42 1.25 -10.90 -6.02
N ASN A 1 -8.81 16.30 -7.77
CA ASN A 1 -9.85 16.40 -6.74
C ASN A 1 -9.82 15.15 -5.85
N ASP A 2 -8.87 15.12 -4.90
CA ASP A 2 -8.72 14.02 -3.93
C ASP A 2 -8.36 14.60 -2.55
N HIS A 3 -9.15 14.22 -1.54
CA HIS A 3 -8.90 14.58 -0.14
C HIS A 3 -8.03 13.50 0.52
N GLN A 4 -6.77 13.84 0.80
CA GLN A 4 -5.81 12.93 1.44
C GLN A 4 -5.42 13.48 2.81
N ASP A 5 -5.91 12.82 3.85
CA ASP A 5 -5.56 13.14 5.24
C ASP A 5 -4.18 12.56 5.59
N LEU A 6 -3.43 13.26 6.45
CA LEU A 6 -2.14 12.76 6.97
C LEU A 6 -2.44 11.58 7.93
N ARG A 7 -1.73 10.48 7.73
CA ARG A 7 -1.98 9.25 8.48
C ARG A 7 -1.24 9.30 9.83
N GLU A 8 -1.95 8.90 10.90
CA GLU A 8 -1.34 8.76 12.23
C GLU A 8 -0.61 7.41 12.29
N ILE A 9 0.57 7.41 12.93
CA ILE A 9 1.32 6.17 13.18
C ILE A 9 0.58 5.41 14.27
N THR A 10 -0.24 4.44 13.83
CA THR A 10 -1.14 3.69 14.69
C THR A 10 -1.13 2.22 14.23
N LYS A 11 -0.63 1.32 15.10
CA LYS A 11 -0.51 -0.12 14.80
C LYS A 11 -1.85 -0.88 14.91
N ASP A 12 -2.96 -0.14 15.13
CA ASP A 12 -4.33 -0.67 15.24
C ASP A 12 -4.68 -1.60 14.05
N SER A 13 -5.24 -2.78 14.38
CA SER A 13 -5.53 -3.88 13.44
C SER A 13 -6.35 -3.40 12.22
N LYS A 14 -7.40 -2.59 12.49
CA LYS A 14 -8.29 -2.08 11.43
C LYS A 14 -7.53 -1.09 10.54
N MET A 15 -6.73 -0.20 11.15
CA MET A 15 -5.90 0.76 10.41
C MET A 15 -4.89 0.05 9.48
N GLN A 16 -4.37 -1.12 9.92
CA GLN A 16 -3.44 -1.92 9.11
C GLN A 16 -4.17 -2.51 7.89
N LYS A 17 -5.36 -3.09 8.14
CA LYS A 17 -6.16 -3.76 7.11
C LYS A 17 -6.72 -2.78 6.06
N LEU A 18 -7.05 -1.56 6.52
CA LEU A 18 -7.60 -0.50 5.65
C LEU A 18 -6.48 0.26 4.93
N ALA A 19 -5.28 0.26 5.53
CA ALA A 19 -4.05 0.74 4.85
C ALA A 19 -3.71 -0.18 3.67
N LEU A 20 -3.84 -1.50 3.91
CA LEU A 20 -3.61 -2.54 2.89
C LEU A 20 -4.69 -2.49 1.81
N ALA A 21 -5.95 -2.28 2.21
CA ALA A 21 -7.09 -2.17 1.29
C ALA A 21 -6.89 -0.99 0.32
N GLY A 22 -6.63 0.20 0.92
CA GLY A 22 -6.37 1.42 0.16
C GLY A 22 -5.18 1.29 -0.78
N PHE A 23 -4.14 0.59 -0.27
CA PHE A 23 -2.96 0.22 -1.06
C PHE A 23 -3.38 -0.60 -2.30
N LEU A 24 -4.17 -1.67 -2.07
CA LEU A 24 -4.57 -2.62 -3.12
C LEU A 24 -5.37 -1.95 -4.25
N LYS A 25 -6.25 -0.99 -3.91
CA LYS A 25 -7.02 -0.22 -4.89
C LYS A 25 -6.09 0.69 -5.73
N LYS A 26 -5.33 1.57 -5.02
CA LYS A 26 -4.52 2.62 -5.67
C LYS A 26 -3.46 2.04 -6.63
N ILE A 27 -3.09 0.73 -6.41
CA ILE A 27 -2.17 -0.02 -7.31
C ILE A 27 -2.52 0.22 -8.79
N LYS A 28 -3.82 0.07 -9.12
CA LYS A 28 -4.29 0.07 -10.52
C LYS A 28 -4.17 1.46 -11.19
N GLY A 29 -3.96 2.51 -10.37
CA GLY A 29 -3.75 3.86 -10.85
C GLY A 29 -2.49 4.50 -10.28
N THR A 30 -1.41 3.70 -10.12
CA THR A 30 -0.10 4.21 -9.66
C THR A 30 1.07 3.32 -10.13
N TYR A 31 2.30 3.88 -10.02
CA TYR A 31 3.56 3.23 -10.46
C TYR A 31 3.85 1.95 -9.66
N ILE A 32 3.33 1.87 -8.41
CA ILE A 32 3.53 0.73 -7.50
C ILE A 32 3.13 -0.60 -8.18
N GLU A 33 2.10 -0.56 -9.07
CA GLU A 33 1.70 -1.74 -9.88
C GLU A 33 2.88 -2.32 -10.66
N SER A 34 3.58 -1.43 -11.39
CA SER A 34 4.78 -1.78 -12.17
C SER A 34 5.83 -2.44 -11.27
N LEU A 35 6.04 -1.87 -10.07
CA LEU A 35 7.00 -2.40 -9.09
C LEU A 35 6.61 -3.85 -8.69
N LEU A 36 5.36 -4.04 -8.28
CA LEU A 36 4.86 -5.32 -7.74
C LEU A 36 4.89 -6.44 -8.79
N LYS A 37 4.62 -6.08 -10.06
CA LYS A 37 4.64 -7.02 -11.20
C LYS A 37 6.09 -7.45 -11.53
N GLU A 38 7.01 -6.47 -11.56
CA GLU A 38 8.45 -6.71 -11.82
C GLU A 38 9.08 -7.54 -10.68
N HIS A 39 8.68 -7.21 -9.44
CA HIS A 39 9.22 -7.84 -8.21
C HIS A 39 8.43 -9.11 -7.84
N LYS A 40 7.47 -9.50 -8.73
CA LYS A 40 6.73 -10.78 -8.68
C LYS A 40 5.89 -10.95 -7.39
N LEU A 41 5.51 -9.81 -6.79
CA LEU A 41 4.61 -9.74 -5.62
C LEU A 41 3.16 -9.91 -6.10
N LEU A 42 2.80 -9.15 -7.15
CA LEU A 42 1.60 -9.41 -7.95
C LEU A 42 1.95 -10.42 -9.08
#